data_7V3I
#
_entry.id   7V3I
#
_cell.length_a   1.00
_cell.length_b   1.00
_cell.length_c   1.00
_cell.angle_alpha   90.00
_cell.angle_beta   90.00
_cell.angle_gamma   90.00
#
_symmetry.space_group_name_H-M   'P 1'
#
loop_
_entity.id
_entity.type
_entity.pdbx_description
1 polymer 'Envelope protein E'
2 polymer 'Small envelope protein M'
3 polymer Fab_C10_light_chain
4 polymer Fab_C10_heavy_chain
#
loop_
_entity_poly.entity_id
_entity_poly.type
_entity_poly.pdbx_seq_one_letter_code
_entity_poly.pdbx_strand_id
1 'polypeptide(L)'
;MRCIGISNRDFVEGVSGGSWVDIVLEHGSCVTTMAKNKPTLDFELIETEAKQPATLRKYCIEAKLTNTTTDSRCPTQGEP
SLNEEQDKRFVCKHSMVDRGWGNGCGLFGKGGIVTCAMFTCKKNMKGKVVQPENLEYTIVITPHSGEEHAVGNDTGKHGK
EIKITPQSSITEAELTGYGTVTMECSPRTGLDFNEMVLLQMENKAWLVHRQWFLDLPLPWLPGADTQGSNWIQKETLVTF
KNPHAKKQDVVVLGSQEGAMHTALTGATEIQMSSGNLLFTGHLKCRLRMDKLQLKGMSYSMCTGKFKVVKEIAETQHGTI
VIRVQYEGDGSPCKIPFEIMDLEKRHVLGRLITVNPIVTEKDSPVNIEAEPPFGDSYIIIGVEPGQLKLNWFKKGSSIGQ
MIETTMRGAKRMAILGDTAWDFGSLGGVFTSIGKALHQVFGAIYGAAFSGVSWIMKILIGVIITWIGMNSRSTSLSVSLV
LVGVVTLYLGVMVQA
;
B,A,C
2 'polypeptide(L)' SVALVPHVGMGLETRTETWMSSEGAWKHAQRIETWILRHPGFTIMAAILAYTIGTTHFQRALIFILLTAVAP E,D,F
3 'polypeptide(L)'
;EVQLVESGAEVKKPGASVKVSCKASGYTFTSYAMHWVRQAPGQRLEWMGWINAGNGNTKYSQKFQDRVTITRDTSASTAY
MELSSLRSEDTAIYYCARDKVDDYGDYWFPTLWYFDYWGQGTLVTVS
;
I,G
4 'polypeptide(L)'
;SALTQPASVSGSPGQSITISCTGTSSDVGGFNYVSWFQQHPGKAPKLMLYDVTSRPSGVSSRFSGSKSGNTASLTISGLQ
AEDEADYYCSSHTSRGTWVFGGGTKLTVL
;
M,H
#
# COMPACT_ATOMS: atom_id res chain seq x y z
CA MET A 1 40.77 -43.00 32.85
CA ARG A 2 37.26 -41.53 32.30
CA CYS A 3 36.85 -43.74 29.23
CA ILE A 4 36.17 -47.04 31.00
CA GLY A 5 32.50 -47.81 31.32
CA ILE A 6 30.86 -45.31 29.00
CA SER A 7 29.11 -47.18 26.21
CA ASN A 8 31.03 -45.59 23.30
CA ARG A 9 34.66 -46.70 23.49
CA ASP A 10 35.47 -46.30 19.74
CA PHE A 11 39.21 -46.78 19.39
CA VAL A 12 41.01 -44.85 16.63
CA GLU A 13 44.51 -45.71 15.38
CA GLY A 14 46.93 -44.23 12.90
CA VAL A 15 48.29 -40.72 13.34
CA SER A 16 50.78 -40.75 10.50
CA GLY A 17 51.20 -38.30 7.66
CA GLY A 18 52.19 -35.34 9.77
CA SER A 19 51.75 -36.04 13.47
CA TRP A 20 47.99 -35.67 13.52
CA VAL A 21 44.67 -37.46 13.20
CA ASP A 22 41.16 -36.03 13.00
CA ILE A 23 38.54 -37.10 15.54
CA VAL A 24 34.95 -36.11 16.22
CA LEU A 25 33.20 -36.58 19.56
CA GLU A 26 29.82 -36.15 21.22
CA HIS A 27 28.62 -35.97 24.81
CA GLY A 28 27.66 -39.63 24.92
CA SER A 29 31.05 -40.73 23.59
CA CYS A 30 34.65 -40.70 24.78
CA VAL A 31 37.34 -41.48 22.24
CA THR A 32 40.77 -42.98 22.93
CA THR A 33 43.59 -42.42 20.47
CA MET A 34 47.00 -44.16 20.48
CA ALA A 35 50.09 -44.81 18.36
CA LYS A 36 53.19 -46.98 18.37
CA ASN A 37 54.62 -44.31 20.71
CA LYS A 38 53.20 -41.03 22.07
CA PRO A 39 51.21 -42.01 25.17
CA THR A 40 47.55 -42.54 24.85
CA LEU A 41 44.90 -39.89 25.29
CA ASP A 42 41.12 -39.91 25.42
CA PHE A 43 38.63 -37.08 25.00
CA GLU A 44 35.06 -36.67 26.23
CA LEU A 45 32.80 -33.70 25.61
CA ILE A 46 31.56 -32.39 28.96
CA GLU A 47 29.71 -29.17 28.03
CA THR A 48 29.11 -26.69 25.23
CA GLU A 49 28.50 -23.34 26.84
CA ALA A 50 26.91 -20.55 24.81
CA LYS A 51 27.25 -17.67 27.23
CA GLN A 52 25.61 -14.79 25.34
CA PRO A 53 22.09 -15.42 23.98
CA ALA A 54 19.71 -13.16 22.10
CA THR A 55 15.93 -13.49 22.34
CA LEU A 56 14.10 -13.02 19.08
CA ARG A 57 10.54 -14.15 19.70
CA LYS A 58 8.40 -14.10 22.84
CA TYR A 59 5.70 -16.77 22.58
CA CYS A 60 2.88 -17.10 25.07
CA ILE A 61 1.21 -20.19 26.48
CA GLU A 62 -2.01 -18.97 28.05
CA ALA A 63 -3.53 -15.62 28.87
CA LYS A 64 -6.53 -14.22 30.70
CA LEU A 65 -9.40 -12.41 29.05
CA THR A 66 -10.94 -9.41 30.81
CA ASN A 67 -13.04 -6.38 29.70
CA THR A 68 -15.19 -8.72 27.62
CA THR A 69 -17.10 -6.14 25.59
CA THR A 70 -19.67 -6.58 22.84
CA ASP A 71 -21.54 -4.16 20.61
CA SER A 72 -24.06 -4.76 17.82
CA ARG A 73 -25.97 -2.68 15.26
CA CYS A 74 -29.24 -2.97 13.31
CA PRO A 75 -29.09 -5.27 10.26
CA THR A 76 -28.32 -4.14 6.70
CA GLN A 77 -26.87 -0.83 7.92
CA GLY A 78 -23.42 -2.29 8.32
CA GLU A 79 -21.03 -3.47 11.01
CA PRO A 80 -20.45 -2.18 14.55
CA SER A 81 -17.64 -0.24 16.16
CA LEU A 82 -16.06 -0.30 19.59
CA ASN A 83 -14.14 2.28 21.56
CA GLU A 84 -11.12 0.39 22.92
CA GLU A 85 -10.95 -1.71 19.75
CA GLN A 86 -8.53 1.08 18.81
CA ASP A 87 -6.06 -0.68 21.10
CA LYS A 88 -4.25 -3.81 19.94
CA ARG A 89 -4.26 -5.33 23.41
CA PHE A 90 -7.78 -6.52 22.59
CA VAL A 91 -8.81 -9.45 20.42
CA CYS A 92 -11.34 -8.86 17.63
CA LYS A 93 -13.89 -10.79 15.61
CA HIS A 94 -16.70 -9.65 13.35
CA SER A 95 -19.62 -12.06 13.09
CA MET A 96 -23.33 -12.25 12.33
CA VAL A 97 -26.30 -12.53 14.66
CA ASP A 98 -29.97 -12.41 13.80
CA ARG A 99 -31.96 -9.51 15.17
CA GLY A 100 -35.58 -8.40 15.09
CA TRP A 101 -37.97 -6.52 17.31
CA GLY A 102 -37.05 -9.02 20.03
CA ASN A 103 -33.54 -7.64 20.27
CA GLY A 104 -35.13 -4.20 19.98
CA CYS A 105 -33.45 -2.82 16.86
CA GLY A 106 -35.57 -3.17 13.71
CA LEU A 107 -35.60 -4.55 10.15
CA PHE A 108 -35.92 -8.22 11.37
CA GLY A 109 -32.72 -9.06 9.54
CA LYS A 110 -29.26 -10.48 10.25
CA GLY A 111 -26.79 -7.86 11.43
CA GLY A 112 -23.25 -7.36 12.60
CA ILE A 113 -21.61 -7.94 15.97
CA VAL A 114 -18.10 -7.56 17.34
CA THR A 115 -16.48 -8.77 20.56
CA CYS A 116 -13.34 -7.67 22.38
CA ALA A 117 -11.46 -8.56 25.57
CA MET A 118 -7.97 -7.82 26.92
CA PHE A 119 -5.17 -10.26 26.19
CA THR A 120 -2.20 -10.29 28.58
CA CYS A 121 -0.01 -13.33 29.14
CA LYS A 122 1.04 -15.09 32.33
CA LYS A 123 3.33 -17.92 31.14
CA ASN A 124 5.90 -16.35 28.81
CA MET A 125 8.02 -18.28 26.35
CA LYS A 126 11.20 -16.62 25.15
CA GLY A 127 13.25 -18.16 22.39
CA LYS A 128 16.88 -17.30 22.93
CA VAL A 129 19.12 -17.53 19.87
CA VAL A 130 22.91 -17.47 19.93
CA GLN A 131 25.36 -16.42 17.28
CA PRO A 132 27.84 -19.10 16.17
CA GLU A 133 30.53 -16.86 17.61
CA ASN A 134 30.84 -15.79 21.29
CA LEU A 135 30.33 -19.44 22.21
CA GLU A 136 32.60 -21.63 24.33
CA TYR A 137 33.01 -25.35 23.88
CA THR A 138 34.85 -27.50 26.39
CA ILE A 139 37.01 -30.57 25.90
CA VAL A 140 38.78 -32.65 28.53
CA ILE A 141 42.17 -34.19 27.87
CA THR A 142 43.06 -36.84 30.32
CA PRO A 143 45.98 -39.26 29.99
CA HIS A 144 46.17 -42.94 30.72
CA SER A 145 48.35 -44.58 33.40
CA GLY A 146 45.86 -43.23 35.85
CA GLU A 147 46.65 -43.05 39.53
CA GLU A 148 44.18 -43.73 42.34
CA HIS A 149 40.42 -43.58 41.65
CA ALA A 150 40.59 -42.10 38.16
CA VAL A 151 38.96 -44.75 36.01
CA GLY A 152 35.39 -43.60 35.44
CA ASN A 153 34.59 -40.91 38.00
CA ASP A 154 33.45 -37.91 35.97
CA THR A 155 34.02 -35.55 38.87
CA GLY A 156 37.54 -34.97 40.10
CA LYS A 157 40.31 -33.46 37.98
CA HIS A 158 43.09 -35.63 36.61
CA GLY A 159 43.65 -33.99 33.21
CA LYS A 160 43.69 -30.54 31.71
CA GLU A 161 40.62 -28.67 30.57
CA ILE A 162 41.26 -26.47 27.54
CA LYS A 163 38.45 -24.06 26.72
CA ILE A 164 37.58 -24.11 23.03
CA THR A 165 36.20 -20.89 21.60
CA PRO A 166 36.24 -20.26 17.83
CA GLN A 167 37.96 -16.92 18.38
CA SER A 168 40.87 -18.97 19.77
CA SER A 169 43.39 -21.12 17.98
CA ILE A 170 45.76 -24.15 18.08
CA THR A 171 45.10 -24.16 21.87
CA GLU A 172 48.15 -25.58 23.60
CA ALA A 173 47.28 -28.10 26.34
CA GLU A 174 50.16 -28.31 28.81
CA LEU A 175 49.04 -31.47 30.57
CA THR A 176 51.13 -32.22 33.63
CA GLY A 177 53.97 -34.72 33.42
CA TYR A 178 53.30 -35.70 29.81
CA GLY A 179 53.98 -33.60 26.74
CA THR A 180 51.67 -31.00 25.19
CA VAL A 181 48.92 -31.87 22.74
CA THR A 182 47.44 -29.22 20.44
CA MET A 183 43.92 -28.92 19.03
CA GLU A 184 42.97 -27.06 15.90
CA CYS A 185 39.38 -28.18 16.10
CA SER A 186 36.64 -26.68 13.91
CA PRO A 187 33.90 -25.33 16.21
CA ARG A 188 31.98 -23.43 13.51
CA THR A 189 30.72 -26.45 11.58
CA GLY A 190 29.90 -28.60 14.58
CA LEU A 191 26.59 -27.64 16.18
CA ASP A 192 25.34 -25.94 12.93
CA PHE A 193 24.13 -22.66 14.37
CA ASN A 194 22.20 -19.73 12.85
CA GLU A 195 19.26 -22.15 12.67
CA MET A 196 19.06 -23.57 16.22
CA VAL A 197 16.86 -21.80 18.76
CA LEU A 198 17.31 -22.13 22.53
CA LEU A 199 13.73 -22.39 23.77
CA GLN A 200 12.60 -21.89 27.37
CA MET A 201 9.60 -22.95 29.46
CA GLU A 202 9.20 -22.03 33.11
CA ASN A 203 11.91 -24.54 34.03
CA LYS A 204 13.00 -26.67 31.07
CA ALA A 205 14.58 -26.00 27.70
CA TRP A 206 15.03 -27.23 24.16
CA LEU A 207 17.44 -26.57 21.30
CA VAL A 208 15.09 -26.44 18.38
CA HIS A 209 14.98 -25.92 14.61
CA ARG A 210 14.52 -22.32 13.49
CA GLN A 211 12.14 -22.61 10.54
CA TRP A 212 10.08 -24.85 12.78
CA PHE A 213 10.38 -22.24 15.54
CA LEU A 214 9.06 -19.29 13.54
CA ASP A 215 5.74 -20.52 12.12
CA LEU A 216 4.45 -22.62 15.00
CA PRO A 217 0.92 -21.31 15.59
CA LEU A 218 0.84 -19.54 18.94
CA PRO A 219 0.44 -15.83 19.68
CA TRP A 220 3.88 -14.31 19.61
CA LEU A 221 5.63 -11.06 20.15
CA PRO A 222 8.83 -9.30 19.08
CA GLY A 223 12.02 -10.08 20.90
CA ALA A 224 13.38 -7.05 22.70
CA ASP A 225 10.27 -5.23 23.97
CA THR A 226 9.55 -3.89 27.40
CA GLN A 227 5.76 -3.72 28.16
CA GLY A 228 5.35 -6.50 25.64
CA SER A 229 1.58 -6.68 25.42
CA ASN A 230 1.27 -6.17 21.65
CA TRP A 231 0.83 -9.79 20.67
CA ILE A 232 -0.02 -10.02 17.01
CA GLN A 233 -1.53 -13.38 15.97
CA LYS A 234 -3.51 -13.54 19.19
CA GLU A 235 -6.28 -15.44 17.38
CA THR A 236 -4.91 -18.96 17.87
CA LEU A 237 -5.19 -18.96 21.65
CA VAL A 238 -8.81 -17.79 21.98
CA THR A 239 -11.97 -19.03 20.31
CA PHE A 240 -15.22 -17.19 19.58
CA LYS A 241 -18.07 -19.54 20.54
CA ASN A 242 -21.19 -19.29 18.37
CA PRO A 243 -23.49 -21.90 19.92
CA HIS A 244 -26.25 -20.15 18.02
CA ALA A 245 -26.60 -16.89 16.11
CA LYS A 246 -27.15 -14.92 19.31
CA LYS A 247 -24.93 -13.04 21.79
CA GLN A 248 -21.56 -14.73 21.59
CA ASP A 249 -18.65 -14.64 23.98
CA VAL A 250 -14.88 -15.24 23.99
CA VAL A 251 -12.91 -17.86 25.91
CA VAL A 252 -9.29 -18.86 26.43
CA LEU A 253 -8.69 -22.15 24.64
CA GLY A 254 -6.46 -23.12 27.56
CA SER A 255 -2.85 -23.70 28.49
CA GLN A 256 -0.39 -25.23 26.05
CA GLU A 257 2.18 -26.84 28.37
CA GLY A 258 1.39 -30.47 27.57
CA ALA A 259 0.66 -29.37 24.02
CA MET A 260 4.16 -28.12 23.30
CA HIS A 261 5.66 -30.85 25.48
CA THR A 262 3.92 -33.13 23.02
CA ALA A 263 5.08 -30.98 20.10
CA LEU A 264 8.80 -31.13 20.88
CA THR A 265 9.30 -34.85 20.33
CA GLY A 266 12.55 -34.68 18.41
CA ALA A 267 14.55 -31.89 20.04
CA THR A 268 17.20 -32.56 22.67
CA GLU A 269 16.57 -31.59 26.28
CA ILE A 270 18.68 -28.63 27.35
CA GLN A 271 19.84 -27.63 30.82
CA MET A 272 19.53 -23.90 30.17
CA SER A 273 19.92 -22.21 33.55
CA SER A 274 22.87 -20.15 34.89
CA GLY A 275 24.72 -20.25 31.61
CA ASN A 276 23.05 -21.63 28.50
CA LEU A 277 25.11 -24.79 28.41
CA LEU A 278 24.04 -27.74 26.28
CA PHE A 279 24.44 -31.50 26.24
CA THR A 280 24.01 -32.23 22.55
CA GLY A 281 26.06 -32.11 19.41
CA HIS A 282 29.53 -32.76 18.08
CA LEU A 283 32.62 -31.01 16.82
CA LYS A 284 35.63 -31.98 14.75
CA CYS A 285 39.03 -32.03 16.46
CA ARG A 286 42.24 -32.13 14.46
CA LEU A 287 44.87 -32.92 17.06
CA ARG A 288 48.62 -33.03 16.51
CA MET A 289 50.67 -35.20 18.82
CA ASP A 290 54.11 -33.92 17.86
CA LYS A 291 55.17 -33.11 21.42
CA LEU A 292 54.20 -35.89 23.81
CA GLN A 293 56.41 -37.41 26.47
CA LEU A 294 55.71 -41.07 27.23
CA LYS A 295 56.65 -40.55 30.94
CA GLY A 296 58.00 -44.08 30.60
CA MET A 297 61.67 -44.11 29.73
CA SER A 298 64.40 -43.43 32.33
CA TYR A 299 62.60 -45.29 35.11
CA SER A 300 63.72 -48.48 36.81
CA MET A 301 62.16 -51.79 35.93
CA CYS A 302 59.95 -53.41 38.54
CA THR A 303 61.55 -56.02 40.77
CA GLY A 304 58.56 -58.34 41.22
CA LYS A 305 56.09 -58.83 44.07
CA PHE A 306 52.92 -57.33 42.63
CA LYS A 307 49.43 -58.11 43.94
CA VAL A 308 45.77 -57.43 43.16
CA VAL A 309 42.78 -56.44 45.33
CA LYS A 310 39.97 -55.84 42.83
CA GLU A 311 38.52 -58.01 40.05
CA ILE A 312 39.69 -58.17 36.44
CA ALA A 313 36.27 -56.80 35.37
CA GLU A 314 36.05 -57.52 31.65
CA THR A 315 34.03 -54.45 30.65
CA GLN A 316 32.93 -53.19 27.25
CA HIS A 317 34.34 -55.32 24.37
CA GLY A 318 37.85 -56.20 25.47
CA THR A 319 39.48 -53.43 27.48
CA ILE A 320 40.07 -55.47 30.64
CA VAL A 321 40.90 -53.14 33.53
CA ILE A 322 43.35 -54.50 36.12
CA ARG A 323 44.47 -52.50 39.15
CA VAL A 324 47.76 -53.49 40.78
CA GLN A 325 49.77 -52.09 43.71
CA TYR A 326 53.40 -52.71 44.54
CA GLU A 327 55.37 -53.84 47.61
CA GLY A 328 58.97 -52.74 47.87
CA ASP A 329 61.92 -51.24 46.01
CA GLY A 330 62.99 -47.78 44.96
CA SER A 331 59.38 -46.94 44.28
CA PRO A 332 59.21 -45.18 40.85
CA CYS A 333 59.33 -48.05 38.36
CA LYS A 334 57.37 -49.16 35.32
CA ILE A 335 55.37 -52.38 35.03
CA PRO A 336 56.19 -55.68 33.30
CA PHE A 337 52.75 -56.15 31.79
CA GLU A 338 52.27 -57.99 28.50
CA ILE A 339 49.94 -60.58 27.02
CA MET A 340 50.87 -64.11 25.98
CA ASP A 341 49.39 -67.57 25.47
CA LEU A 342 49.59 -70.58 27.81
CA GLU A 343 52.94 -71.29 26.26
CA LYS A 344 54.72 -67.94 26.47
CA ARG A 345 55.58 -67.74 22.76
CA HIS A 346 53.79 -64.79 21.18
CA VAL A 347 53.38 -61.42 22.84
CA LEU A 348 49.98 -61.14 21.20
CA GLY A 349 47.25 -58.59 21.72
CA ARG A 350 47.82 -54.87 22.16
CA LEU A 351 48.50 -53.25 25.50
CA ILE A 352 46.67 -49.94 25.44
CA THR A 353 47.63 -48.24 28.71
CA VAL A 354 51.01 -47.66 27.13
CA ASN A 355 54.03 -48.04 29.44
CA PRO A 356 52.34 -47.71 32.84
CA ILE A 357 54.18 -46.33 35.83
CA VAL A 358 53.52 -47.35 39.41
CA THR A 359 54.33 -44.37 41.58
CA GLU A 360 54.23 -43.63 45.34
CA LYS A 361 54.34 -47.26 46.50
CA ASP A 362 51.26 -47.28 48.74
CA SER A 363 49.00 -46.63 45.76
CA PRO A 364 47.63 -49.02 43.14
CA VAL A 365 47.70 -48.10 39.46
CA ASN A 366 45.04 -49.31 37.06
CA ILE A 367 45.88 -50.60 33.59
CA GLU A 368 43.98 -52.20 30.69
CA ALA A 369 44.57 -53.77 27.29
CA GLU A 370 42.86 -55.57 24.41
CA PRO A 371 43.42 -59.33 24.06
CA PRO A 372 43.06 -61.39 20.88
CA PHE A 373 40.07 -63.53 19.99
CA GLY A 374 39.70 -66.21 22.64
CA ASP A 375 41.90 -67.05 25.63
CA SER A 376 44.75 -64.89 26.86
CA TYR A 377 47.33 -64.70 29.64
CA ILE A 378 48.19 -61.24 30.89
CA ILE A 379 51.53 -61.43 32.68
CA ILE A 380 52.72 -59.34 35.62
CA GLY A 381 56.12 -58.62 37.17
CA VAL A 382 59.26 -60.69 36.96
CA GLU A 383 59.95 -64.33 37.79
CA PRO A 384 59.84 -64.23 41.66
CA GLY A 385 56.50 -62.42 41.49
CA GLN A 386 54.73 -63.72 38.39
CA LEU A 387 50.94 -63.47 38.28
CA LYS A 388 49.96 -65.53 35.25
CA LEU A 389 46.26 -64.69 35.49
CA ASN A 390 44.19 -66.61 32.96
CA TRP A 391 41.40 -64.89 31.11
CA PHE A 392 39.27 -66.22 28.27
CA LYS A 393 37.76 -63.28 26.43
CA LYS A 394 34.14 -63.82 25.41
CA GLY A 395 33.99 -65.99 22.31
CA SER A 396 33.96 -63.91 19.16
CA SER A 397 34.89 -64.49 15.53
CA ILE A 398 35.72 -62.38 12.48
CA GLY A 399 32.36 -60.67 13.27
CA GLN A 400 34.14 -57.90 15.16
CA MET A 401 34.23 -56.44 11.64
CA ILE A 402 30.43 -56.58 11.58
CA GLU A 403 30.29 -54.87 14.97
CA THR A 404 32.73 -52.09 14.10
CA THR A 405 31.14 -51.64 10.68
CA MET A 406 27.62 -51.81 12.00
CA ARG A 407 28.77 -49.55 14.83
CA GLY A 408 30.83 -47.32 12.54
CA ALA A 409 27.99 -47.32 10.05
CA LYS A 410 25.70 -46.12 12.83
CA ARG A 411 28.23 -43.35 13.34
CA MET A 412 27.95 -42.67 9.60
CA ALA A 413 24.20 -42.41 10.16
CA ILE A 414 23.78 -40.16 13.20
CA LEU A 415 26.76 -38.08 12.16
CA GLY A 416 25.80 -36.85 8.70
CA ASP A 417 29.01 -36.56 6.71
CA THR A 418 31.72 -35.78 9.28
CA ALA A 419 31.97 -39.47 10.23
CA TRP A 420 34.39 -39.93 7.32
CA ASP A 421 36.91 -38.73 9.90
CA PHE A 422 38.76 -40.94 12.44
CA GLY A 423 41.33 -41.26 9.63
CA SER A 424 44.47 -39.49 8.42
CA LEU A 425 44.88 -38.34 4.80
CA GLY A 426 42.51 -40.64 2.99
CA GLY A 427 42.71 -39.45 -0.59
CA VAL A 428 41.20 -42.48 -2.33
CA PHE A 429 39.45 -43.29 0.97
CA THR A 430 38.31 -40.10 2.72
CA SER A 431 38.19 -37.30 0.14
CA ILE A 432 35.78 -39.12 -2.18
CA GLY A 433 34.16 -40.50 0.97
CA LYS A 434 32.99 -37.28 2.61
CA ALA A 435 32.91 -35.67 -0.82
CA LEU A 436 30.58 -38.22 -2.43
CA HIS A 437 28.58 -38.71 0.74
CA GLN A 438 28.42 -34.96 1.31
CA VAL A 439 27.09 -34.44 -2.23
CA PHE A 440 24.64 -37.35 -2.27
CA GLY A 441 23.59 -37.07 1.36
CA ALA A 442 23.29 -33.31 0.91
CA ILE A 443 20.41 -33.89 -1.52
CA TYR A 444 19.17 -36.73 0.63
CA GLY A 445 18.53 -34.28 3.44
CA ALA A 446 16.28 -31.27 2.67
CA ALA A 447 14.61 -33.31 -0.07
CA PHE A 448 13.56 -36.02 2.40
CA SER A 449 13.32 -33.92 5.56
CA GLY A 450 9.99 -33.29 7.24
CA VAL A 451 9.24 -36.99 7.46
CA SER A 452 8.87 -39.21 10.54
CA TRP A 453 9.84 -42.58 12.07
CA ILE A 454 7.38 -44.79 10.24
CA MET A 455 7.16 -42.99 6.92
CA LYS A 456 10.81 -43.66 6.14
CA ILE A 457 9.84 -47.33 6.30
CA LEU A 458 6.83 -47.18 3.95
CA ILE A 459 8.65 -44.84 1.61
CA GLY A 460 11.37 -47.47 2.02
CA VAL A 461 9.14 -50.30 0.83
CA ILE A 462 7.47 -48.40 -2.02
CA ILE A 463 10.89 -47.53 -3.41
CA THR A 464 12.07 -51.02 -2.53
CA TRP A 465 9.29 -52.50 -4.65
CA ILE A 466 9.57 -50.06 -7.56
CA GLY A 467 13.29 -50.74 -7.47
CA MET A 468 12.60 -54.46 -7.32
CA ASN A 469 10.31 -55.07 -10.30
CA SER A 470 12.25 -52.81 -12.68
CA ARG A 471 14.53 -53.42 -15.68
CA SER A 472 17.90 -52.30 -17.14
CA THR A 473 19.49 -53.37 -13.82
CA SER A 474 17.69 -50.82 -11.68
CA LEU A 475 17.81 -53.32 -8.81
CA SER A 476 21.24 -52.27 -7.56
CA VAL A 477 20.44 -48.73 -8.72
CA SER A 478 17.44 -48.43 -6.41
CA LEU A 479 18.08 -50.90 -3.57
CA VAL A 480 21.72 -51.16 -2.46
CA LEU A 481 22.23 -47.40 -2.75
CA VAL A 482 18.85 -45.95 -1.68
CA GLY A 483 16.62 -48.75 -0.37
CA VAL A 484 18.48 -50.41 2.46
CA VAL A 485 19.72 -47.04 3.71
CA THR A 486 16.15 -45.82 4.15
CA LEU A 487 15.05 -49.05 5.82
CA TYR A 488 18.39 -48.92 7.64
CA LEU A 489 17.68 -45.36 8.82
CA GLY A 490 14.06 -45.96 9.79
CA VAL A 491 15.23 -47.96 12.80
CA MET A 492 18.09 -45.58 13.66
CA VAL A 493 16.40 -42.17 13.82
CA GLN A 494 14.99 -40.69 17.07
CA ALA A 495 17.94 -41.61 19.27
CA SER B 1 -2.91 -25.62 17.13
CA VAL B 2 0.55 -26.65 18.32
CA ALA B 3 -0.62 -30.20 18.94
CA LEU B 4 0.31 -31.04 15.35
CA VAL B 5 3.68 -30.40 13.61
CA PRO B 6 5.38 -32.75 16.11
CA HIS B 7 8.94 -31.61 15.13
CA VAL B 8 10.29 -34.94 13.95
CA GLY B 9 11.43 -34.31 10.42
CA MET B 10 14.27 -31.81 10.72
CA GLY B 11 16.86 -34.44 11.23
CA LEU B 12 18.81 -32.83 14.11
CA GLU B 13 19.92 -36.22 15.46
CA THR B 14 22.75 -36.70 17.90
CA ARG B 15 23.48 -39.76 19.98
CA THR B 16 21.91 -38.17 23.07
CA GLU B 17 18.30 -38.92 23.93
CA THR B 18 15.58 -36.78 22.40
CA TRP B 19 12.71 -35.33 24.40
CA MET B 20 10.11 -38.08 24.14
CA SER B 21 11.61 -41.11 22.52
CA SER B 22 10.48 -44.59 23.65
CA GLU B 23 6.93 -43.20 23.93
CA GLY B 24 6.67 -41.06 20.80
CA ALA B 25 8.41 -43.73 18.77
CA TRP B 26 5.27 -45.88 18.75
CA LYS B 27 2.37 -43.64 19.77
CA HIS B 28 1.35 -43.12 16.15
CA ALA B 29 1.05 -46.91 15.78
CA GLN B 30 -1.35 -47.50 18.65
CA ARG B 31 -2.84 -44.09 17.91
CA ILE B 32 -4.07 -45.48 14.60
CA GLU B 33 -4.78 -49.00 15.88
CA THR B 34 -7.03 -47.74 18.67
CA TRP B 35 -8.82 -45.69 16.03
CA ILE B 36 -9.35 -48.87 13.99
CA LEU B 37 -10.79 -50.60 17.07
CA ARG B 38 -13.02 -47.53 17.43
CA HIS B 39 -14.09 -47.46 13.74
CA PRO B 40 -14.14 -50.75 11.81
CA GLY B 41 -16.44 -49.17 9.25
CA PHE B 42 -13.62 -47.08 7.88
CA THR B 43 -11.53 -50.24 7.63
CA ILE B 44 -14.12 -52.08 5.54
CA MET B 45 -14.91 -49.07 3.34
CA ALA B 46 -11.16 -48.55 2.96
CA ALA B 47 -11.01 -52.21 1.96
CA ILE B 48 -13.65 -51.96 -0.76
CA LEU B 49 -12.54 -48.72 -2.40
CA ALA B 50 -8.97 -49.87 -1.95
CA TYR B 51 -9.89 -53.04 -3.83
CA THR B 52 -11.66 -51.22 -6.68
CA ILE B 53 -8.90 -49.04 -8.16
CA GLY B 54 -5.29 -50.09 -8.40
CA THR B 55 -5.45 -52.90 -10.95
CA THR B 56 -2.10 -54.42 -10.04
CA HIS B 57 -1.75 -56.57 -6.96
CA PHE B 58 0.60 -54.28 -5.03
CA GLN B 59 -1.37 -51.02 -5.13
CA ARG B 60 -4.27 -52.31 -3.02
CA ALA B 61 -1.97 -52.68 -0.02
CA LEU B 62 -0.28 -49.34 -0.74
CA ILE B 63 -3.28 -47.06 -1.06
CA PHE B 64 -5.06 -49.17 1.53
CA ILE B 65 -2.40 -48.52 4.19
CA LEU B 66 -2.24 -44.91 3.05
CA LEU B 67 -6.03 -44.62 3.11
CA THR B 68 -6.34 -46.05 6.60
CA ALA B 69 -3.25 -44.04 7.50
CA VAL B 70 -4.28 -40.53 6.48
CA ALA B 71 -7.54 -40.52 8.47
CA PRO B 72 -6.51 -40.08 12.15
CA MET C 1 -50.34 22.55 -17.79
CA ARG C 2 -46.67 21.84 -17.06
CA CYS C 3 -46.42 19.48 -19.97
CA ILE C 4 -46.19 21.85 -22.92
CA GLY C 5 -42.58 22.73 -23.64
CA ILE C 6 -40.86 20.10 -21.52
CA SER C 7 -39.75 17.30 -23.81
CA ASN C 8 -40.47 13.55 -23.92
CA ARG C 9 -44.13 13.68 -23.01
CA ASP C 10 -45.81 10.45 -23.87
CA PHE C 11 -49.55 9.97 -24.31
CA VAL C 12 -51.38 7.06 -22.70
CA GLU C 13 -54.83 5.87 -23.77
CA GLY C 14 -57.22 3.13 -22.83
CA VAL C 15 -58.76 3.20 -19.38
CA SER C 16 -60.87 0.15 -20.09
CA GLY C 17 -60.76 -3.29 -18.62
CA GLY C 18 -61.68 -1.62 -15.40
CA SER C 19 -61.47 2.16 -15.19
CA TRP C 20 -57.78 2.37 -14.38
CA VAL C 21 -54.63 3.20 -16.31
CA ASP C 22 -51.23 2.05 -15.12
CA ILE C 23 -48.23 4.26 -15.90
CA VAL C 24 -44.55 4.51 -15.09
CA LEU C 25 -43.35 7.95 -14.19
CA GLU C 26 -39.83 9.30 -13.96
CA HIS C 27 -38.22 12.70 -13.41
CA GLY C 28 -37.29 13.77 -16.92
CA SER C 29 -40.66 12.75 -18.30
CA CYS C 30 -44.30 13.76 -17.99
CA VAL C 31 -47.31 11.58 -18.71
CA THR C 32 -50.65 12.80 -20.11
CA THR C 33 -53.87 10.77 -20.12
CA MET C 34 -57.05 11.03 -22.18
CA ALA C 35 -60.16 8.86 -22.47
CA LYS C 36 -63.66 9.04 -23.91
CA ASN C 37 -64.50 11.14 -20.83
CA LYS C 38 -62.49 11.82 -17.65
CA PRO C 39 -60.41 14.76 -18.77
CA THR C 40 -56.75 15.36 -19.46
CA LEU C 41 -54.83 15.27 -16.21
CA ASP C 42 -51.08 14.97 -16.61
CA PHE C 43 -48.46 13.53 -14.26
CA GLU C 44 -44.89 14.73 -13.82
CA LEU C 45 -42.47 13.66 -11.10
CA ILE C 46 -41.35 16.82 -9.32
CA GLU C 47 -39.06 15.57 -6.54
CA THR C 48 -38.51 12.82 -3.98
CA GLU C 49 -36.75 12.87 -0.67
CA ALA C 50 -35.36 10.31 1.77
CA LYS C 51 -36.47 12.01 4.94
CA GLN C 52 -34.08 10.40 7.44
CA PRO C 53 -30.78 8.74 6.49
CA ALA C 54 -28.53 6.24 8.22
CA THR C 55 -24.75 6.19 7.98
CA LEU C 56 -23.09 3.06 6.63
CA ARG C 57 -19.36 3.63 6.31
CA LYS C 58 -16.98 6.57 6.60
CA TYR C 59 -14.09 6.64 4.12
CA CYS C 60 -11.19 9.10 4.01
CA ILE C 61 -9.77 11.28 1.24
CA GLU C 62 -6.53 12.80 2.57
CA ALA C 63 -4.14 12.47 5.51
CA LYS C 64 -1.47 14.38 7.38
CA LEU C 65 1.38 12.58 9.11
CA THR C 66 2.84 14.08 12.25
CA ASN C 67 4.93 11.77 14.51
CA THR C 68 6.90 9.63 12.09
CA THR C 69 8.87 7.35 14.41
CA THR C 70 10.81 4.20 13.53
CA ASP C 71 12.84 1.41 15.09
CA SER C 72 15.79 -0.68 13.96
CA ARG C 73 17.77 -3.76 14.97
CA CYS C 74 20.67 -5.99 13.89
CA PRO C 75 19.93 -8.64 11.24
CA THR C 76 19.09 -12.28 11.88
CA GLN C 77 17.60 -10.99 15.15
CA GLY C 78 13.77 -11.20 15.08
CA GLU C 79 11.29 -8.40 14.50
CA PRO C 80 11.07 -4.85 15.89
CA SER C 81 8.73 -3.49 18.52
CA LEU C 82 7.70 -0.02 19.56
CA ASN C 83 5.15 1.59 21.86
CA GLU C 84 2.96 3.23 19.22
CA GLU C 85 2.14 -0.03 17.42
CA GLN C 86 -0.06 -0.91 20.41
CA ASP C 87 -2.36 1.80 19.09
CA LYS C 88 -3.88 0.92 15.72
CA ARG C 89 -3.88 4.57 14.61
CA PHE C 90 -0.30 3.96 13.47
CA VAL C 91 0.54 1.94 10.36
CA CYS C 92 3.68 -0.11 9.67
CA LYS C 93 5.43 -2.28 7.13
CA HIS C 94 8.04 -4.79 8.21
CA SER C 95 10.77 -4.02 5.70
CA MET C 96 14.41 -4.93 5.30
CA VAL C 97 17.18 -2.36 5.44
CA ASP C 98 20.73 -3.61 4.92
CA ARG C 99 23.08 -3.26 7.87
CA GLY C 100 26.68 -3.67 8.89
CA TRP C 101 29.44 -1.92 10.77
CA GLY C 102 28.60 1.14 8.67
CA ASN C 103 25.51 1.49 10.80
CA GLY C 104 27.36 -0.42 13.51
CA CYS C 105 25.62 -3.67 14.50
CA GLY C 106 27.54 -6.61 13.06
CA LEU C 107 26.55 -9.68 11.05
CA PHE C 108 26.13 -7.64 7.84
CA GLY C 109 22.77 -9.04 6.83
CA LYS C 110 19.36 -7.45 6.42
CA GLY C 111 17.19 -6.92 9.48
CA GLY C 112 13.69 -5.65 10.12
CA ILE C 113 12.44 -2.05 10.05
CA VAL C 114 9.03 -0.52 10.60
CA THR C 115 8.01 3.14 10.53
CA CYS C 116 4.82 4.74 11.81
CA ALA C 117 2.26 7.45 11.13
CA MET C 118 -0.91 8.32 13.01
CA PHE C 119 -4.08 9.26 11.14
CA THR C 120 -5.77 12.41 12.26
CA CYS C 121 -7.22 12.87 8.80
CA LYS C 122 -9.01 15.95 7.68
CA LYS C 123 -11.61 14.99 5.06
CA ASN C 124 -14.39 12.53 5.72
CA MET C 125 -16.64 10.61 3.37
CA LYS C 126 -20.02 9.91 4.94
CA GLY C 127 -21.85 7.11 3.21
CA LYS C 128 -25.58 7.30 3.80
CA VAL C 129 -28.02 4.44 3.41
CA VAL C 130 -31.78 4.59 3.63
CA GLN C 131 -34.25 1.80 4.12
CA PRO C 132 -36.98 1.64 1.45
CA GLU C 133 -39.48 2.71 4.12
CA ASN C 134 -40.09 6.47 4.86
CA LEU C 135 -39.22 7.75 1.44
CA GLU C 136 -41.24 10.83 0.52
CA TYR C 137 -42.09 10.94 -3.16
CA THR C 138 -43.94 13.96 -4.51
CA ILE C 139 -45.98 14.25 -7.71
CA VAL C 140 -47.68 17.33 -9.19
CA ILE C 141 -51.15 16.82 -10.66
CA THR C 142 -52.15 19.48 -13.20
CA PRO C 143 -55.28 19.30 -15.36
CA HIS C 144 -55.28 20.75 -18.84
CA SER C 145 -57.81 23.42 -18.07
CA GLY C 146 -55.44 25.75 -19.88
CA GLU C 147 -56.36 28.46 -17.42
CA GLU C 148 -55.54 32.17 -17.21
CA HIS C 149 -52.05 33.16 -18.47
CA ALA C 150 -51.17 29.45 -18.24
CA VAL C 151 -49.40 27.48 -20.98
CA GLY C 152 -47.24 24.61 -19.71
CA ASN C 153 -45.74 26.57 -16.79
CA ASP C 154 -43.03 24.59 -15.03
CA THR C 155 -43.73 26.46 -11.77
CA GLY C 156 -46.62 28.09 -9.94
CA LYS C 157 -49.68 26.78 -8.10
CA HIS C 158 -52.51 26.28 -10.52
CA GLY C 159 -52.36 22.49 -10.39
CA LYS C 160 -52.48 20.88 -6.94
CA GLU C 161 -49.60 18.59 -6.02
CA ILE C 162 -49.61 15.47 -3.84
CA LYS C 163 -47.07 13.44 -1.91
CA ILE C 164 -46.85 9.66 -1.71
CA THR C 165 -44.72 7.47 0.56
CA PRO C 166 -44.23 3.72 0.89
CA GLN C 167 -46.08 4.29 4.18
CA SER C 168 -48.96 5.71 2.19
CA SER C 169 -52.43 4.58 1.08
CA ILE C 170 -54.94 5.30 -1.71
CA THR C 171 -54.14 9.08 -1.19
CA GLU C 172 -57.23 10.68 -2.71
CA ALA C 173 -56.94 14.34 -3.70
CA GLU C 174 -59.71 16.80 -4.55
CA LEU C 175 -58.59 19.44 -7.04
CA THR C 176 -60.68 22.38 -8.20
CA GLY C 177 -63.37 21.90 -10.83
CA TYR C 178 -62.26 18.37 -11.70
CA GLY C 179 -63.51 16.66 -8.54
CA THR C 180 -61.26 14.09 -6.95
CA VAL C 181 -58.91 11.28 -7.90
CA THR C 182 -57.31 8.49 -5.89
CA MET C 183 -54.12 7.46 -7.69
CA GLU C 184 -52.44 4.45 -6.05
CA CYS C 185 -48.71 4.10 -6.44
CA SER C 186 -46.56 1.06 -5.69
CA PRO C 187 -43.48 2.99 -4.60
CA ARG C 188 -41.26 0.58 -2.67
CA THR C 189 -40.32 -1.27 -5.87
CA GLY C 190 -39.39 1.98 -7.59
CA LEU C 191 -35.68 2.80 -7.57
CA ASP C 192 -34.69 -0.65 -6.20
CA PHE C 193 -33.50 0.31 -2.75
CA ASN C 194 -31.77 -1.72 -0.01
CA GLU C 195 -28.65 -1.30 -2.14
CA MET C 196 -28.54 2.42 -2.84
CA VAL C 197 -25.99 4.43 -0.90
CA LEU C 198 -26.06 8.22 -0.66
CA LEU C 199 -22.39 9.13 -0.12
CA GLN C 200 -21.45 12.80 -0.16
CA MET C 201 -18.33 14.91 -0.51
CA GLU C 202 -18.02 18.38 1.03
CA ASN C 203 -20.76 20.01 -1.06
CA LYS C 204 -22.16 17.70 -3.74
CA ALA C 205 -23.54 14.22 -3.40
CA TRP C 206 -24.42 11.05 -5.24
CA LEU C 207 -26.31 7.75 -5.52
CA VAL C 208 -24.31 4.54 -5.83
CA HIS C 209 -25.16 0.94 -5.01
CA ARG C 210 -23.86 -0.96 -2.02
CA GLN C 211 -21.76 -3.69 -3.65
CA TRP C 212 -19.65 -1.09 -5.43
CA PHE C 213 -19.56 1.27 -2.44
CA LEU C 214 -18.55 -1.46 -0.01
CA ASP C 215 -15.26 -2.66 -1.52
CA LEU C 216 -13.63 0.61 -2.30
CA PRO C 217 -9.83 1.21 -2.23
CA LEU C 218 -10.02 3.91 0.45
CA PRO C 219 -9.56 3.16 4.18
CA TRP C 220 -12.83 3.08 6.05
CA LEU C 221 -14.69 2.83 9.31
CA PRO C 222 -17.89 1.28 10.61
CA GLY C 223 -20.48 3.98 10.58
CA ALA C 224 -21.86 4.43 14.10
CA ASP C 225 -18.57 5.41 15.70
CA THR C 226 -17.48 8.29 17.89
CA GLN C 227 -13.79 9.38 17.87
CA GLY C 228 -13.47 8.05 14.34
CA SER C 229 -9.78 7.19 14.09
CA ASN C 230 -9.61 3.37 14.10
CA TRP C 231 -9.59 2.81 10.36
CA ILE C 232 -8.92 -0.64 8.98
CA GLN C 233 -7.62 -0.41 5.42
CA LYS C 234 -5.10 2.19 6.53
CA GLU C 235 -2.43 1.24 3.95
CA THR C 236 -4.12 2.46 0.76
CA LEU C 237 -3.68 6.17 1.48
CA VAL C 238 -0.04 6.03 2.63
CA THR C 239 2.97 4.51 0.87
CA PHE C 240 6.30 3.16 2.11
CA LYS C 241 9.06 4.60 -0.06
CA ASN C 242 12.04 2.25 0.29
CA PRO C 243 14.22 3.86 -2.37
CA HIS C 244 17.48 1.95 -2.33
CA ALA C 245 18.41 -0.77 0.20
CA LYS C 246 18.69 1.93 2.93
CA LYS C 247 15.65 2.78 5.12
CA GLN C 248 12.00 3.11 4.23
CA ASP C 249 9.73 5.94 5.31
CA VAL C 250 6.05 6.81 4.93
CA VAL C 251 4.43 9.44 2.74
CA VAL C 252 0.89 10.73 2.51
CA LEU C 253 -0.77 9.75 -0.79
CA GLY C 254 -2.71 12.98 -0.69
CA SER C 255 -6.24 13.93 -1.61
CA GLN C 256 -8.28 11.29 -3.45
CA GLU C 257 -11.14 13.73 -3.95
CA GLY C 258 -11.11 14.18 -7.70
CA ALA C 259 -10.05 10.56 -7.95
CA MET C 260 -13.35 9.48 -6.44
CA HIS C 261 -14.99 12.15 -8.62
CA THR C 262 -13.66 10.51 -11.77
CA ALA C 263 -14.41 7.18 -10.15
CA LEU C 264 -18.13 7.95 -9.83
CA THR C 265 -19.04 7.55 -13.46
CA GLY C 266 -22.41 5.82 -13.56
CA ALA C 267 -23.28 7.43 -10.20
CA THR C 268 -26.10 9.93 -10.41
CA GLU C 269 -25.97 13.57 -9.28
CA ILE C 270 -27.94 14.12 -6.09
CA GLN C 271 -28.16 17.23 -3.88
CA MET C 272 -27.68 16.46 -0.17
CA SER C 273 -27.49 19.92 1.36
CA SER C 274 -31.01 20.67 2.63
CA GLY C 275 -32.42 17.22 3.14
CA ASN C 276 -31.76 14.17 0.99
CA LEU C 277 -33.41 15.40 -2.19
CA LEU C 278 -33.39 12.86 -5.02
CA PHE C 279 -34.00 13.42 -8.72
CA THR C 280 -33.72 9.88 -10.07
CA GLY C 281 -36.23 7.07 -10.02
CA HIS C 282 -39.63 6.05 -11.27
CA LEU C 283 -42.96 4.91 -9.89
CA LYS C 284 -45.73 2.61 -10.92
CA CYS C 285 -49.15 4.13 -10.28
CA ARG C 286 -52.56 2.73 -11.13
CA LEU C 287 -54.88 5.59 -12.08
CA ARG C 288 -58.39 5.17 -10.79
CA MET C 289 -59.99 8.17 -12.48
CA ASP C 290 -63.59 7.37 -11.61
CA LYS C 291 -64.73 10.77 -10.37
CA LEU C 292 -63.09 13.12 -12.89
CA GLN C 293 -65.64 15.71 -13.89
CA LEU C 294 -64.88 17.13 -17.31
CA LYS C 295 -65.33 20.82 -16.28
CA GLY C 296 -67.85 21.83 -18.90
CA MET C 297 -71.01 19.98 -18.17
CA SER C 298 -73.82 22.59 -17.92
CA TYR C 299 -71.64 24.97 -19.93
CA SER C 300 -73.30 25.82 -23.21
CA MET C 301 -71.67 26.06 -26.60
CA CYS C 302 -70.20 29.48 -27.43
CA THR C 303 -72.19 31.91 -29.55
CA GLY C 304 -69.15 32.98 -31.51
CA LYS C 305 -66.48 35.59 -32.26
CA PHE C 306 -63.47 34.34 -30.39
CA LYS C 307 -60.15 36.16 -30.50
CA VAL C 308 -56.83 34.42 -31.00
CA VAL C 309 -54.74 36.50 -28.65
CA LYS C 310 -51.32 35.18 -29.49
CA GLU C 311 -50.22 33.31 -32.57
CA ILE C 312 -49.90 29.56 -33.37
CA ALA C 313 -46.99 27.69 -31.80
CA GLU C 314 -45.75 24.21 -32.64
CA THR C 315 -43.93 22.09 -30.09
CA GLN C 316 -42.78 18.48 -30.45
CA HIS C 317 -44.93 15.36 -30.96
CA GLY C 318 -47.15 17.11 -33.55
CA THR C 319 -49.26 19.32 -31.27
CA ILE C 320 -50.67 22.79 -31.97
CA VAL C 321 -50.54 25.52 -29.32
CA ILE C 322 -52.77 28.63 -29.52
CA ARG C 323 -54.21 31.17 -27.08
CA VAL C 324 -57.90 32.03 -27.56
CA GLN C 325 -60.05 34.67 -25.86
CA TYR C 326 -63.84 35.05 -25.88
CA GLU C 327 -65.86 38.09 -26.93
CA GLY C 328 -69.55 38.35 -26.18
CA ASP C 329 -71.90 37.41 -23.35
CA GLY C 330 -72.63 34.46 -21.10
CA SER C 331 -69.09 33.93 -19.86
CA PRO C 332 -69.34 30.31 -18.64
CA CYS C 333 -69.55 28.47 -21.96
CA LYS C 334 -67.69 25.86 -23.96
CA ILE C 335 -65.28 26.40 -26.85
CA PRO C 336 -66.42 24.99 -30.20
CA PHE C 337 -63.07 23.52 -31.15
CA GLU C 338 -63.01 20.79 -33.77
CA ILE C 339 -60.64 19.95 -36.59
CA MET C 340 -62.33 19.66 -39.96
CA ASP C 341 -60.39 19.08 -43.18
CA LEU C 342 -60.90 20.57 -46.65
CA GLU C 343 -64.11 21.16 -48.71
CA LYS C 344 -66.04 21.67 -45.39
CA ARG C 345 -66.59 17.89 -45.20
CA HIS C 346 -64.18 15.69 -43.29
CA VAL C 347 -63.88 16.05 -39.52
CA LEU C 348 -60.90 14.22 -37.96
CA GLY C 349 -58.06 14.51 -35.48
CA ARG C 350 -57.68 13.91 -31.74
CA LEU C 351 -58.42 16.90 -29.55
CA ILE C 352 -56.69 16.25 -26.25
CA THR C 353 -57.52 19.35 -24.21
CA VAL C 354 -61.04 17.98 -23.86
CA ASN C 355 -64.07 20.37 -23.64
CA PRO C 356 -62.10 23.58 -23.08
CA ILE C 357 -64.13 26.29 -21.42
CA VAL C 358 -63.86 30.04 -20.97
CA THR C 359 -64.02 31.01 -17.32
CA GLU C 360 -64.84 33.87 -14.96
CA LYS C 361 -64.33 36.69 -17.50
CA ASP C 362 -63.70 37.19 -21.21
CA SER C 363 -60.15 36.02 -20.16
CA PRO C 364 -57.47 34.27 -22.25
CA VAL C 365 -58.04 30.54 -22.42
CA ASN C 366 -55.37 28.08 -23.47
CA ILE C 367 -56.04 24.86 -25.38
CA GLU C 368 -53.79 22.43 -27.27
CA ALA C 369 -54.60 19.40 -29.39
CA GLU C 370 -53.21 16.65 -31.62
CA PRO C 371 -53.72 17.54 -35.30
CA PRO C 372 -53.63 15.13 -38.24
CA PHE C 373 -50.57 14.90 -40.45
CA GLY C 374 -51.26 17.05 -43.49
CA ASP C 375 -53.63 19.89 -44.28
CA SER C 376 -55.55 21.06 -41.23
CA TYR C 377 -58.08 23.84 -41.03
CA ILE C 378 -58.93 24.76 -37.46
CA ILE C 379 -62.49 25.65 -36.53
CA ILE C 380 -62.81 27.34 -33.16
CA GLY C 381 -66.39 28.57 -33.18
CA VAL C 382 -69.79 28.67 -34.75
CA GLU C 383 -70.59 29.90 -38.24
CA PRO C 384 -71.19 33.64 -37.53
CA GLY C 385 -67.45 34.22 -37.20
CA GLN C 386 -65.32 31.13 -36.89
CA LEU C 387 -61.57 31.70 -37.28
CA LYS C 388 -60.33 29.45 -40.09
CA LEU C 389 -56.67 29.05 -39.19
CA ASN C 390 -54.61 27.51 -41.96
CA TRP C 391 -51.87 25.34 -40.53
CA PHE C 392 -49.81 22.48 -41.98
CA LYS C 393 -47.79 19.88 -40.09
CA LYS C 394 -44.48 18.41 -41.22
CA GLY C 395 -43.82 14.74 -41.87
CA SER C 396 -45.97 12.58 -39.59
CA SER C 397 -46.69 9.91 -42.22
CA ILE C 398 -44.54 7.00 -41.04
CA GLY C 399 -41.99 8.77 -38.83
CA GLN C 400 -44.39 8.86 -35.90
CA MET C 401 -44.65 5.06 -35.93
CA ILE C 402 -40.92 4.45 -36.20
CA GLU C 403 -40.54 7.37 -33.78
CA THR C 404 -42.69 5.65 -31.16
CA THR C 405 -40.88 2.43 -32.13
CA MET C 406 -37.41 3.86 -31.42
CA ARG C 407 -39.00 5.57 -28.42
CA GLY C 408 -40.54 2.20 -27.58
CA ALA C 409 -37.15 0.53 -27.34
CA LYS C 410 -35.81 3.68 -25.67
CA ARG C 411 -38.42 3.61 -22.90
CA MET C 412 -38.08 -0.18 -22.74
CA ALA C 413 -34.36 -0.22 -21.90
CA ILE C 414 -34.23 3.14 -20.10
CA LEU C 415 -36.56 1.50 -17.63
CA GLY C 416 -36.13 -2.01 -16.36
CA ASP C 417 -38.88 -4.52 -16.90
CA THR C 418 -41.53 -2.08 -15.68
CA ALA C 419 -41.90 -0.66 -19.20
CA TRP C 420 -44.80 -3.03 -19.78
CA ASP C 421 -46.80 -0.87 -17.34
CA PHE C 422 -48.36 1.38 -19.98
CA GLY C 423 -51.33 -0.92 -20.51
CA SER C 424 -54.48 -1.53 -18.50
CA LEU C 425 -53.65 -5.25 -18.01
CA GLY C 426 -53.78 -6.43 -21.60
CA GLY C 427 -52.91 -9.90 -20.35
CA VAL C 428 -52.35 -11.92 -23.52
CA PHE C 429 -50.06 -9.22 -24.99
CA THR C 430 -48.76 -7.28 -22.00
CA SER C 431 -48.45 -9.26 -18.77
CA ILE C 432 -46.78 -12.38 -20.15
CA GLY C 433 -44.46 -10.01 -22.00
CA LYS C 434 -43.47 -8.67 -18.59
CA ALA C 435 -43.04 -12.28 -17.52
CA LEU C 436 -40.53 -13.43 -20.13
CA HIS C 437 -39.07 -9.95 -20.30
CA GLN C 438 -38.89 -10.14 -16.51
CA VAL C 439 -36.86 -13.35 -16.40
CA PHE C 440 -34.83 -12.28 -19.45
CA GLY C 441 -34.56 -8.93 -17.70
CA ALA C 442 -32.77 -10.87 -15.01
CA ILE C 443 -30.71 -12.72 -17.61
CA TYR C 444 -29.30 -9.43 -18.83
CA GLY C 445 -28.88 -8.62 -15.16
CA ALA C 446 -26.65 -11.55 -14.11
CA ALA C 447 -24.66 -10.89 -17.28
CA PHE C 448 -23.74 -7.74 -19.20
CA SER C 449 -22.96 -6.06 -15.88
CA GLY C 450 -20.19 -3.57 -15.23
CA VAL C 451 -19.79 -3.38 -18.99
CA SER C 452 -18.74 -0.01 -20.42
CA TRP C 453 -19.78 1.83 -23.58
CA ILE C 454 -17.30 -0.09 -25.70
CA MET C 455 -17.29 -3.65 -24.38
CA LYS C 456 -21.01 -3.97 -24.99
CA ILE C 457 -20.71 -3.19 -28.67
CA LEU C 458 -17.62 -5.40 -28.75
CA ILE C 459 -19.49 -8.50 -27.58
CA GLY C 460 -22.34 -7.13 -29.67
CA VAL C 461 -20.41 -7.31 -32.92
CA ILE C 462 -18.87 -10.71 -32.21
CA ILE C 463 -22.20 -12.17 -31.09
CA THR C 464 -23.74 -10.83 -34.30
CA TRP C 465 -20.75 -12.28 -36.15
CA ILE C 466 -21.27 -15.82 -34.84
CA GLY C 467 -25.00 -15.24 -35.38
CA MET C 468 -24.48 -14.37 -39.05
CA ASN C 469 -22.13 -17.36 -39.34
CA SER C 470 -24.12 -19.96 -37.40
CA ARG C 471 -26.17 -22.87 -38.74
CA SER C 472 -29.33 -25.01 -38.25
CA THR C 473 -31.65 -21.98 -37.84
CA SER C 474 -29.72 -20.74 -34.81
CA LEU C 475 -29.13 -17.47 -36.70
CA SER C 476 -32.19 -15.50 -35.55
CA VAL C 477 -31.97 -16.75 -31.97
CA SER C 478 -28.35 -15.55 -31.92
CA LEU C 479 -28.93 -12.11 -33.45
CA VAL C 480 -32.45 -10.78 -32.83
CA LEU C 481 -32.53 -12.44 -29.39
CA VAL C 482 -29.09 -11.39 -28.10
CA GLY C 483 -27.11 -9.68 -30.86
CA VAL C 484 -28.93 -6.63 -32.17
CA VAL C 485 -30.54 -5.97 -28.78
CA THR C 486 -27.08 -5.92 -27.25
CA LEU C 487 -26.13 -3.39 -29.91
CA TYR C 488 -29.10 -1.22 -28.93
CA LEU C 489 -28.19 -1.78 -25.28
CA GLY C 490 -24.68 -0.59 -26.15
CA VAL C 491 -25.82 2.52 -27.98
CA MET C 492 -28.57 3.73 -25.62
CA VAL C 493 -26.65 3.20 -22.36
CA GLN C 494 -25.27 5.94 -20.04
CA ALA C 495 -28.21 8.17 -20.93
CA SER D 1 -6.29 2.82 -7.69
CA VAL D 2 -9.62 4.31 -6.64
CA ALA D 3 -10.10 5.81 -10.12
CA LEU D 4 -10.51 2.23 -11.34
CA VAL D 5 -13.72 0.17 -10.78
CA PRO D 6 -15.47 2.92 -12.74
CA HIS D 7 -19.08 1.91 -11.84
CA VAL D 8 -20.09 1.95 -15.48
CA GLY D 9 -22.80 -0.67 -15.95
CA MET D 10 -25.09 -1.22 -12.98
CA GLY D 11 -28.39 -0.05 -14.38
CA LEU D 12 -29.53 2.53 -11.83
CA GLU D 13 -29.85 5.48 -14.23
CA THR D 14 -33.25 6.72 -15.34
CA ARG D 15 -34.02 9.01 -18.28
CA THR D 16 -32.08 11.86 -16.64
CA GLU D 17 -28.31 12.23 -16.88
CA THR D 18 -25.43 10.75 -14.89
CA TRP D 19 -22.23 12.44 -13.61
CA MET D 20 -20.00 12.82 -16.70
CA SER D 21 -22.34 11.79 -19.52
CA SER D 22 -21.17 12.63 -23.09
CA GLU D 23 -17.61 13.32 -21.91
CA GLY D 24 -16.68 10.03 -20.27
CA ALA D 25 -18.48 7.88 -22.82
CA TRP D 26 -15.64 8.41 -25.30
CA LYS D 27 -12.60 8.72 -23.03
CA HIS D 28 -11.54 5.07 -23.23
CA ALA D 29 -11.34 4.94 -27.02
CA GLN D 30 -9.49 8.26 -27.06
CA ARG D 31 -6.85 7.13 -24.56
CA ILE D 32 -6.40 4.00 -26.69
CA GLU D 33 -6.06 6.23 -29.75
CA THR D 34 -3.48 8.58 -28.24
CA TRP D 35 -1.55 5.71 -26.68
CA ILE D 36 -1.40 3.83 -29.99
CA LEU D 37 -0.44 7.00 -31.85
CA ARG D 38 2.35 7.72 -29.38
CA HIS D 39 3.54 4.10 -28.94
CA PRO D 40 3.17 2.33 -32.28
CA GLY D 41 5.45 -0.67 -31.95
CA PHE D 42 3.33 -2.54 -29.44
CA THR D 43 0.38 -2.67 -31.81
CA ILE D 44 2.62 -3.42 -34.79
CA MET D 45 4.04 -6.35 -32.85
CA ALA D 46 0.52 -7.14 -31.68
CA ALA D 47 -0.57 -7.04 -35.32
CA ILE D 48 2.01 -9.58 -36.48
CA LEU D 49 1.22 -11.69 -33.43
CA ALA D 50 -2.45 -11.38 -34.33
CA TYR D 51 -1.98 -12.54 -37.92
CA THR D 52 -0.08 -15.71 -37.01
CA ILE D 53 -2.59 -16.94 -34.43
CA GLY D 54 -6.29 -17.43 -35.04
CA THR D 55 -7.06 -19.35 -38.24
CA THR D 56 -9.56 -16.95 -39.83
CA HIS D 57 -9.56 -13.23 -40.58
CA PHE D 58 -12.28 -12.71 -37.97
CA GLN D 59 -10.44 -13.87 -34.89
CA ARG D 60 -7.20 -12.34 -36.19
CA ALA D 61 -9.15 -9.09 -36.01
CA LEU D 62 -10.34 -10.19 -32.54
CA ILE D 63 -6.83 -10.71 -31.11
CA PHE D 64 -5.77 -7.46 -32.80
CA ILE D 65 -8.50 -5.14 -31.52
CA LEU D 66 -8.82 -6.95 -28.20
CA LEU D 67 -5.11 -7.06 -27.42
CA THR D 68 -4.74 -3.46 -28.51
CA ALA D 69 -7.76 -2.69 -26.33
CA VAL D 70 -6.47 -4.38 -23.17
CA ALA D 71 -3.30 -2.31 -23.19
CA PRO D 72 -3.32 0.61 -20.72
CA MET E 1 35.52 -0.18 2.45
CA ARG E 2 32.32 1.91 2.45
CA CYS E 3 31.23 -0.88 0.05
CA ILE E 4 31.06 -3.61 2.70
CA GLY E 5 27.43 -4.10 3.59
CA ILE E 6 25.62 -2.45 0.68
CA SER E 7 23.77 -5.54 -0.75
CA ASN E 8 24.91 -4.73 -4.33
CA ARG E 9 28.66 -4.80 -4.89
CA ASP E 10 29.57 -6.48 -8.23
CA PHE E 11 33.31 -7.00 -7.86
CA VAL E 12 35.08 -6.00 -11.08
CA GLU E 13 38.48 -7.45 -11.87
CA GLY E 14 41.34 -7.04 -14.30
CA VAL E 15 43.07 -4.27 -16.18
CA SER E 16 43.22 -4.49 -19.96
CA GLY E 17 46.36 -3.46 -21.80
CA GLY E 18 46.95 0.06 -20.61
CA SER E 19 46.49 0.76 -16.93
CA TRP E 20 42.74 1.43 -17.11
CA VAL E 21 39.35 -0.26 -16.72
CA ASP E 22 35.82 0.85 -17.63
CA ILE E 23 32.95 0.27 -15.20
CA VAL E 24 29.33 1.29 -14.60
CA LEU E 25 28.19 2.42 -11.16
CA GLU E 26 24.72 3.07 -9.76
CA HIS E 27 23.07 4.70 -6.75
CA GLY E 28 21.87 1.63 -4.86
CA SER E 29 25.10 -0.22 -5.64
CA CYS E 30 28.80 0.57 -5.37
CA VAL E 31 31.57 -1.31 -7.13
CA THR E 32 34.78 -2.70 -5.69
CA THR E 33 37.73 -3.16 -8.05
CA MET E 34 40.84 -5.32 -7.68
CA ALA E 35 43.94 -5.54 -9.85
CA LYS E 36 47.24 -7.36 -10.04
CA ASN E 37 49.78 -4.78 -8.83
CA LYS E 38 47.31 -1.94 -7.96
CA PRO E 39 45.28 -1.34 -4.78
CA THR E 40 41.57 -1.88 -4.26
CA LEU E 41 39.29 1.15 -4.16
CA ASP E 42 35.56 1.78 -4.21
CA PHE E 43 33.37 3.79 -6.56
CA GLU E 44 29.98 5.12 -5.53
CA LEU E 45 27.95 8.16 -6.46
CA ILE E 46 26.06 9.81 -3.61
CA GLU E 47 24.12 12.63 -5.31
CA THR E 48 23.32 13.84 -8.81
CA GLU E 49 22.43 17.51 -8.81
CA ALA E 50 20.90 19.83 -11.39
CA LYS E 51 21.74 23.51 -11.06
CA GLN E 52 19.38 25.79 -13.02
CA PRO E 53 15.99 24.21 -13.74
CA ALA E 54 13.50 25.51 -16.28
CA THR E 55 9.75 25.15 -15.83
CA LEU E 56 8.85 23.59 -19.18
CA ARG E 57 5.24 22.71 -18.40
CA LYS E 58 3.31 23.64 -15.26
CA TYR E 59 -0.17 22.50 -14.28
CA CYS E 60 -2.98 23.06 -11.76
CA ILE E 61 -4.67 20.61 -9.43
CA GLU E 62 -7.31 22.21 -7.19
CA ALA E 63 -9.67 24.65 -8.85
CA LYS E 64 -12.51 26.98 -7.94
CA LEU E 65 -15.34 28.45 -9.98
CA THR E 66 -16.70 31.95 -9.41
CA ASN E 67 -18.87 34.51 -11.22
CA THR E 68 -20.84 31.77 -12.97
CA THR E 69 -23.08 33.10 -15.74
CA THR E 70 -25.25 31.47 -18.37
CA ASP E 71 -27.47 32.28 -21.33
CA SER E 72 -30.48 31.07 -23.31
CA ARG E 73 -32.03 31.91 -26.68
CA CYS E 74 -35.15 31.21 -28.71
CA PRO E 75 -34.45 27.95 -30.60
CA THR E 76 -34.82 28.71 -34.29
CA GLN E 77 -32.56 31.79 -34.23
CA GLY E 78 -29.95 29.58 -32.83
CA GLU E 79 -26.66 30.13 -31.14
CA PRO E 80 -26.03 32.37 -28.13
CA SER E 81 -22.86 34.20 -27.18
CA LEU E 82 -21.26 35.81 -24.15
CA ASN E 83 -18.93 38.72 -23.73
CA GLU E 84 -17.17 36.39 -21.31
CA GLU E 85 -17.12 33.63 -23.93
CA GLN E 86 -14.32 35.14 -26.01
CA ASP E 87 -12.21 35.72 -22.89
CA LYS E 88 -9.75 32.90 -22.21
CA ARG E 89 -10.28 32.63 -18.45
CA PHE E 90 -13.86 31.35 -18.82
CA VAL E 91 -14.76 27.74 -19.56
CA CYS E 92 -17.61 27.26 -22.01
CA LYS E 93 -19.79 24.51 -23.38
CA HIS E 94 -22.89 24.63 -25.54
CA SER E 95 -25.70 22.10 -25.31
CA MET E 96 -29.46 21.94 -25.67
CA VAL E 97 -32.19 22.98 -23.22
CA ASP E 98 -35.94 22.96 -23.90
CA ARG E 99 -37.91 26.21 -23.85
CA GLY E 100 -41.56 27.12 -23.42
CA TRP E 101 -43.94 29.98 -22.85
CA GLY E 102 -43.92 28.81 -19.24
CA ASN E 103 -40.19 29.42 -19.64
CA GLY E 104 -41.05 32.55 -21.60
CA CYS E 105 -39.54 31.89 -25.01
CA GLY E 106 -41.79 31.46 -28.02
CA LEU E 107 -42.15 28.65 -30.58
CA PHE E 108 -41.65 25.87 -27.97
CA GLY E 109 -38.62 24.25 -29.55
CA LYS E 110 -35.28 23.33 -28.00
CA GLY E 111 -32.79 26.18 -27.78
CA GLY E 112 -29.06 26.53 -27.52
CA ILE E 113 -27.63 27.54 -24.16
CA VAL E 114 -24.22 28.59 -22.87
CA THR E 115 -22.80 28.41 -19.41
CA CYS E 116 -19.64 30.20 -18.35
CA ALA E 117 -17.42 30.55 -15.31
CA MET E 118 -13.79 31.57 -15.10
CA PHE E 119 -11.25 28.96 -14.09
CA THR E 120 -8.66 29.47 -11.36
CA CYS E 121 -5.76 27.50 -9.94
CA LYS E 122 -5.47 26.80 -6.24
CA LYS E 123 -2.34 24.64 -6.05
CA ASN E 124 0.10 24.30 -8.93
CA MET E 125 2.46 21.47 -9.77
CA LYS E 126 5.60 22.78 -11.42
CA GLY E 127 7.21 20.71 -14.13
CA LYS E 128 10.87 21.58 -14.34
CA VAL E 129 13.30 20.52 -17.05
CA VAL E 130 17.09 20.45 -17.28
CA GLN E 131 19.31 20.14 -20.36
CA PRO E 132 22.05 17.46 -20.42
CA GLU E 133 24.69 20.09 -19.78
CA ASN E 134 24.79 21.70 -16.31
CA LEU E 135 23.89 18.41 -14.61
CA GLU E 136 26.47 17.97 -11.87
CA TYR E 137 27.28 14.43 -10.83
CA THR E 138 29.52 13.62 -7.90
CA ILE E 139 31.49 10.48 -7.01
CA VAL E 140 33.15 9.86 -3.69
CA ILE E 141 36.14 7.53 -4.07
CA THR E 142 37.78 5.61 -1.25
CA PRO E 143 40.54 2.98 -1.09
CA HIS E 144 40.82 -0.09 1.09
CA SER E 145 43.24 1.73 3.34
CA GLY E 146 43.56 0.01 6.69
CA GLU E 147 41.98 2.81 8.62
CA GLU E 148 39.79 3.30 11.62
CA HIS E 149 36.14 3.11 10.68
CA ALA E 150 35.82 2.97 6.92
CA VAL E 151 34.16 -0.43 6.22
CA GLY E 152 30.77 1.20 5.68
CA ASN E 153 31.35 4.51 7.42
CA ASP E 154 30.70 7.16 4.76
CA THR E 155 32.05 10.43 6.19
CA GLY E 156 35.20 12.46 6.85
CA LYS E 157 38.70 11.99 5.47
CA HIS E 158 38.02 8.28 4.84
CA GLY E 159 37.83 8.95 1.09
CA LYS E 160 37.83 11.92 -1.25
CA GLU E 161 34.82 13.31 -3.13
CA ILE E 162 35.05 14.65 -6.67
CA LYS E 163 32.66 16.35 -9.06
CA ILE E 164 31.54 15.43 -12.59
CA THR E 165 30.02 17.78 -15.19
CA PRO E 166 29.83 17.37 -19.01
CA GLN E 167 31.92 20.55 -19.23
CA SER E 168 34.91 18.92 -17.50
CA SER E 169 34.82 15.12 -17.30
CA ILE E 170 38.45 14.49 -16.46
CA THR E 171 38.61 15.64 -12.83
CA GLU E 172 42.15 15.04 -11.53
CA ALA E 173 41.40 13.05 -8.39
CA GLU E 174 44.22 12.85 -5.84
CA LEU E 175 43.53 10.92 -2.67
CA THR E 176 46.10 10.89 0.12
CA GLY E 177 48.57 8.06 -0.16
CA TYR E 178 48.34 5.47 -2.91
CA GLY E 179 49.25 7.91 -5.68
CA THR E 180 46.20 9.03 -7.64
CA VAL E 181 43.54 8.00 -10.11
CA THR E 182 41.92 9.89 -12.96
CA MET E 183 38.77 8.94 -14.81
CA GLU E 184 36.91 10.06 -17.90
CA CYS E 185 33.20 10.06 -17.22
CA SER E 186 30.64 10.43 -20.00
CA PRO E 187 27.36 11.87 -18.72
CA ARG E 188 26.00 12.30 -22.26
CA THR E 189 25.16 8.57 -22.28
CA GLY E 190 23.69 8.47 -18.79
CA LEU E 191 19.96 8.71 -18.22
CA ASP E 192 19.57 10.60 -21.58
CA PHE E 193 18.37 13.94 -20.27
CA ASN E 194 16.53 16.64 -22.25
CA GLU E 195 14.08 13.75 -22.72
CA MET E 196 13.08 14.03 -19.06
CA VAL E 197 10.90 16.19 -16.83
CA LEU E 198 11.93 16.76 -13.23
CA LEU E 199 8.46 17.07 -11.73
CA GLN E 200 7.33 18.86 -8.58
CA MET E 201 4.13 18.39 -6.56
CA GLU E 202 3.32 20.55 -3.50
CA ASN E 203 5.93 18.78 -1.37
CA LYS E 204 7.32 15.77 -3.12
CA ALA E 205 9.15 15.57 -6.41
CA TRP E 206 9.57 13.06 -9.22
CA LEU E 207 11.21 12.09 -12.49
CA VAL E 208 9.17 11.31 -15.61
CA HIS E 209 10.24 11.57 -19.21
CA ARG E 210 9.07 14.39 -21.42
CA GLN E 211 6.31 13.29 -23.78
CA TRP E 212 4.48 11.38 -21.08
CA PHE E 213 4.41 14.65 -19.14
CA LEU E 214 3.36 16.38 -22.35
CA ASP E 215 0.22 14.26 -22.44
CA LEU E 216 -1.62 14.57 -19.13
CA PRO E 217 -5.33 15.34 -19.60
CA LEU E 218 -5.16 18.34 -17.37
CA PRO E 219 -5.16 22.17 -17.66
CA TRP E 220 -1.97 23.90 -18.74
CA LEU E 221 -0.43 27.38 -18.34
CA PRO E 222 2.88 28.30 -20.01
CA GLY E 223 6.35 28.89 -18.62
CA ALA E 224 5.76 32.32 -17.08
CA ASP E 225 2.61 33.82 -15.62
CA THR E 226 2.69 37.62 -16.22
CA GLN E 227 -1.05 37.55 -15.56
CA GLY E 228 -1.26 34.17 -17.20
CA SER E 229 -4.55 32.67 -15.94
CA ASN E 230 -5.41 31.39 -19.45
CA TRP E 231 -5.27 27.64 -18.89
CA ILE E 232 -5.96 26.29 -22.33
CA GLN E 233 -7.38 22.77 -21.90
CA LYS E 234 -9.21 23.77 -18.75
CA GLU E 235 -12.29 21.85 -19.86
CA THR E 236 -11.04 18.71 -18.09
CA LEU E 237 -11.18 19.89 -14.47
CA VAL E 238 -14.82 20.97 -14.80
CA THR E 239 -17.92 19.05 -15.79
CA PHE E 240 -21.24 19.99 -17.37
CA LYS E 241 -24.55 18.40 -16.40
CA ASN E 242 -27.88 18.78 -18.20
CA PRO E 243 -30.68 17.06 -16.26
CA HIS E 244 -34.12 16.79 -17.85
CA ALA E 245 -33.09 19.39 -20.47
CA LYS E 246 -33.50 21.74 -17.48
CA LYS E 247 -30.86 24.39 -16.52
CA GLN E 248 -27.20 23.55 -15.96
CA ASP E 249 -24.43 24.71 -13.72
CA VAL E 250 -20.74 23.89 -13.58
CA VAL E 251 -19.11 22.16 -10.64
CA VAL E 252 -15.38 21.72 -10.22
CA LEU E 253 -14.15 18.17 -10.76
CA GLY E 254 -12.15 18.35 -7.53
CA SER E 255 -8.53 18.00 -6.55
CA GLN E 256 -6.70 15.53 -8.80
CA GLU E 257 -3.73 15.43 -6.44
CA GLY E 258 -3.49 11.87 -5.18
CA ALA E 259 -5.09 11.00 -8.47
CA MET E 260 -1.90 12.38 -10.00
CA HIS E 261 0.04 10.33 -7.44
CA THR E 262 -1.60 7.14 -8.69
CA ALA E 263 -1.06 8.39 -12.25
CA LEU E 264 2.66 8.63 -11.49
CA THR E 265 3.01 4.90 -10.66
CA GLY E 266 6.29 4.03 -12.33
CA ALA E 267 8.38 7.10 -11.57
CA THR E 268 11.38 7.38 -9.27
CA GLU E 269 11.06 9.57 -6.19
CA ILE E 270 13.64 12.36 -5.92
CA GLN E 271 13.98 15.55 -3.86
CA MET E 272 14.07 19.19 -4.82
CA SER E 273 13.35 20.77 -1.42
CA SER E 274 17.02 21.78 -1.36
CA GLY E 275 18.56 22.17 -4.78
CA ASN E 276 17.37 19.64 -7.34
CA LEU E 277 19.03 16.72 -5.64
CA LEU E 278 18.37 13.65 -7.78
CA PHE E 279 18.96 10.08 -6.53
CA THR E 280 18.33 8.00 -9.61
CA GLY E 281 20.40 6.64 -12.39
CA HIS E 282 23.87 5.71 -13.48
CA LEU E 283 26.89 7.11 -15.25
CA LYS E 284 29.44 5.37 -17.44
CA CYS E 285 32.95 5.89 -16.09
CA ARG E 286 36.11 4.89 -17.92
CA LEU E 287 38.71 5.08 -15.15
CA ARG E 288 42.39 5.45 -16.05
CA MET E 289 44.50 4.43 -13.03
CA ASP E 290 48.14 4.91 -13.95
CA LYS E 291 49.78 6.81 -11.07
CA LEU E 292 48.29 4.49 -8.45
CA GLN E 293 50.98 2.64 -6.49
CA LEU E 294 50.26 0.44 -3.51
CA LYS E 295 51.28 2.69 -0.55
CA GLY E 296 53.38 0.16 1.29
CA MET E 297 55.88 -1.41 -1.02
CA SER E 298 59.22 -1.88 0.81
CA TYR E 299 57.71 -1.90 4.26
CA SER E 300 59.07 -4.84 6.22
CA MET E 301 56.97 -7.70 7.50
CA CYS E 302 55.67 -7.71 11.08
CA THR E 303 57.19 -9.45 14.06
CA GLY E 304 54.28 -11.07 15.88
CA LYS E 305 51.68 -10.76 18.65
CA PHE E 306 48.49 -9.73 16.92
CA LYS E 307 45.06 -9.53 18.52
CA VAL E 308 41.47 -9.47 17.28
CA VAL E 309 39.17 -6.76 18.62
CA LYS E 310 35.94 -7.92 16.94
CA GLU E 311 35.40 -11.27 15.25
CA ILE E 312 35.05 -12.40 11.69
CA ALA E 313 31.38 -11.75 10.81
CA GLU E 314 30.93 -12.36 7.07
CA THR E 315 28.98 -10.19 4.65
CA GLN E 316 26.41 -10.82 1.96
CA HIS E 317 27.57 -12.74 -1.15
CA GLY E 318 30.08 -13.95 1.34
CA THR E 319 33.24 -11.99 2.08
CA ILE E 320 34.90 -11.80 5.49
CA VAL E 321 35.74 -8.58 7.35
CA ILE E 322 37.99 -8.91 10.39
CA ARG E 323 39.41 -6.08 12.51
CA VAL E 324 42.75 -6.93 14.08
CA GLN E 325 45.33 -5.16 16.19
CA TYR E 326 49.13 -5.29 16.08
CA GLU E 327 51.26 -4.91 19.16
CA GLY E 328 55.01 -5.15 19.21
CA ASP E 329 57.55 -3.07 17.33
CA GLY E 330 58.01 -1.04 14.16
CA SER E 331 54.72 0.87 13.83
CA PRO E 332 54.91 0.91 10.03
CA CYS E 333 54.85 -2.78 9.11
CA LYS E 334 53.17 -4.94 6.47
CA ILE E 335 50.67 -7.23 8.16
CA PRO E 336 51.28 -10.93 7.29
CA PHE E 337 47.79 -11.73 6.07
CA GLU E 338 46.98 -14.86 4.14
CA ILE E 339 43.84 -16.96 3.85
CA MET E 340 44.72 -20.61 3.75
CA ASP E 341 43.87 -24.09 5.06
CA LEU E 342 45.81 -26.75 6.92
CA GLU E 343 48.75 -29.07 6.11
CA LYS E 344 49.88 -30.28 2.71
CA ARG E 345 49.79 -26.54 2.68
CA HIS E 346 47.99 -24.99 -0.27
CA VAL E 347 47.06 -21.33 -0.56
CA LEU E 348 43.44 -20.69 -1.46
CA GLY E 349 41.13 -17.73 -1.20
CA ARG E 350 41.80 -14.28 -2.55
CA LEU E 351 42.91 -11.36 -0.42
CA ILE E 352 40.76 -8.41 -1.50
CA THR E 353 42.82 -5.78 0.30
CA VAL E 354 46.25 -5.90 -1.32
CA ASN E 355 49.30 -5.49 1.05
CA PRO E 356 47.52 -3.72 3.93
CA ILE E 357 49.44 -1.97 6.69
CA VAL E 358 48.94 -1.43 10.36
CA THR E 359 50.12 2.17 10.82
CA GLU E 360 50.70 4.04 14.11
CA LYS E 361 50.73 0.74 16.03
CA ASP E 362 48.09 1.48 18.67
CA SER E 363 45.35 1.49 16.04
CA PRO E 364 43.14 -1.27 14.61
CA VAL E 365 43.11 -2.32 10.99
CA ASN E 366 39.94 -3.51 9.31
CA ILE E 367 41.34 -6.20 7.04
CA GLU E 368 39.29 -8.22 4.60
CA ALA E 369 39.32 -11.04 2.05
CA GLU E 370 36.97 -13.82 0.97
CA PRO E 371 37.43 -17.54 1.66
CA PRO E 372 36.55 -20.27 -0.86
CA PHE E 373 33.45 -22.40 -0.72
CA GLY E 374 34.44 -24.89 1.96
CA ASP E 375 36.46 -24.74 5.18
CA SER E 376 39.19 -22.14 5.47
CA TYR E 377 41.70 -20.79 7.96
CA ILE E 378 42.75 -17.18 8.37
CA ILE E 379 46.38 -16.50 9.24
CA ILE E 380 47.89 -13.34 10.73
CA GLY E 381 51.05 -13.77 12.77
CA VAL E 382 54.42 -15.42 12.33
CA GLU E 383 56.99 -15.93 15.05
CA PRO E 384 54.95 -16.84 18.15
CA GLY E 385 51.27 -16.08 18.38
CA GLN E 386 50.11 -17.61 15.12
CA LEU E 387 46.63 -16.12 15.38
CA LYS E 388 44.79 -18.92 13.61
CA LEU E 389 41.01 -18.68 13.78
CA ASN E 390 38.54 -20.63 11.70
CA TRP E 391 35.87 -19.89 9.11
CA PHE E 392 33.40 -22.13 7.32
CA LYS E 393 31.57 -21.00 4.17
CA LYS E 394 28.09 -22.07 3.10
CA GLY E 395 27.49 -23.20 -0.48
CA SER E 396 29.51 -20.75 -2.58
CA SER E 397 30.52 -23.29 -5.25
CA ILE E 398 27.92 -23.62 -8.03
CA GLY E 399 25.26 -21.59 -6.28
CA GLN E 400 27.71 -18.70 -6.35
CA MET E 401 28.16 -18.88 -10.11
CA ILE E 402 24.46 -19.27 -10.86
CA GLU E 403 23.77 -16.38 -8.52
CA THR E 404 26.42 -14.19 -10.14
CA THR E 405 25.06 -15.05 -13.58
CA MET E 406 21.51 -14.33 -12.47
CA ARG E 407 22.64 -11.03 -10.99
CA GLY E 408 24.61 -10.50 -14.15
CA ALA E 409 21.38 -11.05 -16.09
CA LYS E 410 19.79 -8.75 -13.56
CA ARG E 411 22.50 -6.22 -14.37
CA MET E 412 21.86 -6.23 -18.10
CA ALA E 413 18.16 -6.42 -17.33
CA ILE E 414 18.13 -3.06 -15.52
CA LEU E 415 20.58 -1.47 -17.91
CA GLY E 416 20.49 -1.62 -21.67
CA ASP E 417 23.37 -0.83 -23.97
CA THR E 418 25.62 0.50 -21.20
CA ALA E 419 25.61 -2.83 -19.40
CA TRP E 420 28.12 -4.44 -21.75
CA ASP E 421 30.69 -1.80 -20.78
CA PHE E 422 30.84 -3.27 -17.25
CA GLY E 423 33.72 -5.53 -18.32
CA SER E 424 37.36 -4.74 -19.06
CA LEU E 425 37.41 -4.16 -22.85
CA GLY E 426 36.85 -7.43 -24.68
CA GLY E 427 38.10 -5.66 -27.85
CA VAL E 428 35.93 -6.81 -30.71
CA PHE E 429 34.09 -9.19 -28.39
CA THR E 430 32.47 -6.70 -26.02
CA SER E 431 32.05 -4.34 -28.96
CA ILE E 432 29.94 -6.83 -30.89
CA GLY E 433 27.80 -7.74 -27.88
CA LYS E 434 27.48 -4.00 -27.37
CA ALA E 435 26.38 -3.60 -30.99
CA LEU E 436 23.85 -6.42 -31.27
CA HIS E 437 22.62 -5.35 -27.86
CA GLN E 438 22.00 -1.92 -29.41
CA VAL E 439 20.03 -3.41 -32.28
CA PHE E 440 18.23 -5.88 -30.02
CA GLY E 441 17.49 -3.21 -27.46
CA ALA E 442 16.26 -1.08 -30.34
CA ILE E 443 14.07 -3.89 -31.59
CA TYR E 444 12.96 -4.31 -27.98
CA GLY E 445 12.55 -0.56 -27.85
CA ALA E 446 10.24 1.28 -30.28
CA ALA E 447 7.82 -1.44 -29.07
CA PHE E 448 6.90 -2.59 -25.54
CA SER E 449 6.54 1.02 -24.40
CA GLY E 450 3.41 1.20 -22.29
CA VAL E 451 3.20 -2.52 -21.69
CA SER E 452 2.51 -3.04 -18.00
CA TRP E 453 3.71 -5.64 -15.54
CA ILE E 454 1.25 -8.32 -16.62
CA MET E 455 0.98 -7.83 -20.36
CA LYS E 456 4.65 -8.49 -21.04
CA ILE E 457 4.31 -11.74 -19.12
CA LEU E 458 1.28 -12.50 -21.31
CA ILE E 459 2.93 -11.51 -24.57
CA GLY E 460 5.92 -13.47 -23.30
CA VAL E 461 3.93 -16.65 -23.01
CA ILE E 462 2.18 -16.21 -26.35
CA ILE E 463 5.53 -15.56 -28.01
CA THR E 464 6.69 -18.64 -26.08
CA TRP E 465 3.86 -20.79 -27.43
CA ILE E 466 4.22 -19.54 -31.00
CA GLY E 467 7.96 -20.05 -30.62
CA MET E 468 7.57 -23.66 -29.54
CA ASN E 469 5.11 -24.60 -32.30
CA SER E 470 7.22 -23.03 -35.06
CA ARG E 471 9.01 -24.88 -37.86
CA SER E 472 12.35 -24.98 -39.76
CA THR E 473 14.42 -24.62 -36.53
CA SER E 474 13.54 -20.97 -36.06
CA LEU E 475 12.16 -22.19 -32.75
CA SER E 476 14.94 -21.51 -30.26
CA VAL E 477 15.77 -18.19 -31.93
CA SER E 478 12.23 -16.84 -31.64
CA LEU E 479 11.92 -18.56 -28.24
CA VAL E 480 15.12 -17.39 -26.54
CA LEU E 481 16.18 -14.27 -28.49
CA VAL E 482 12.87 -12.65 -27.52
CA GLY E 483 10.97 -15.36 -25.65
CA VAL E 484 12.72 -16.34 -22.44
CA VAL E 485 14.27 -12.89 -22.07
CA THR E 486 10.81 -11.28 -22.30
CA LEU E 487 9.85 -13.70 -19.55
CA TYR E 488 12.81 -12.56 -17.46
CA LEU E 489 12.49 -8.80 -17.81
CA GLY E 490 8.83 -9.69 -17.98
CA VAL E 491 9.31 -10.40 -14.28
CA MET E 492 12.01 -8.03 -13.09
CA VAL E 493 11.12 -4.71 -14.74
CA GLN E 494 9.24 -2.25 -12.45
CA ALA E 495 11.37 -2.49 -9.35
CA SER F 1 -9.63 11.01 -15.68
CA VAL F 2 -6.02 12.02 -15.19
CA ALA F 3 -5.33 9.30 -12.59
CA LEU F 4 -5.26 6.90 -15.54
CA VAL F 5 -2.41 6.62 -18.19
CA PRO F 6 -0.13 5.48 -15.41
CA HIS F 7 3.45 5.66 -16.85
CA VAL F 8 4.46 2.05 -16.25
CA GLY F 9 6.57 0.99 -19.22
CA MET F 10 8.48 3.99 -20.58
CA GLY F 11 11.92 2.68 -19.86
CA LEU F 12 13.42 4.94 -17.15
CA GLU F 13 13.77 2.04 -14.71
CA THR F 14 16.74 1.90 -12.36
CA ARG F 15 17.69 -0.03 -9.28
CA THR F 16 16.42 2.59 -6.84
CA GLU F 17 12.94 1.43 -6.07
CA THR F 18 10.03 3.09 -7.79
CA TRP F 19 7.11 5.06 -6.29
CA MET F 20 4.75 2.06 -6.27
CA SER F 21 6.52 -1.27 -5.93
CA SER F 22 4.49 -4.24 -4.57
CA GLU F 23 1.32 -2.12 -4.71
CA GLY F 24 1.66 -0.97 -8.30
CA ALA F 25 2.82 -4.43 -9.28
CA TRP F 26 -0.38 -6.26 -8.39
CA LYS F 27 -3.35 -3.90 -8.21
CA HIS F 28 -4.49 -4.42 -11.80
CA ALA F 29 -4.05 -8.17 -11.30
CA GLN F 30 -5.97 -7.75 -8.02
CA ARG F 31 -8.93 -5.79 -9.29
CA ILE F 32 -9.40 -8.07 -12.27
CA GLU F 33 -10.13 -10.94 -9.87
CA THR F 34 -12.34 -8.70 -7.74
CA TRP F 35 -13.97 -7.93 -11.08
CA ILE F 36 -14.45 -11.68 -11.43
CA LEU F 37 -16.10 -12.18 -8.08
CA ARG F 38 -18.51 -9.22 -7.98
CA HIS F 39 -19.56 -9.92 -11.59
CA PRO F 40 -19.60 -13.72 -11.91
CA GLY F 41 -22.22 -13.95 -14.63
CA PHE F 42 -20.02 -11.96 -17.02
CA THR F 43 -17.06 -14.26 -16.64
CA ILE F 44 -19.04 -17.50 -16.93
CA MET F 45 -20.85 -16.38 -20.08
CA ALA F 46 -17.54 -14.86 -21.19
CA ALA F 47 -16.10 -18.35 -20.76
CA ILE F 48 -18.92 -19.64 -22.98
CA LEU F 49 -18.23 -17.23 -25.86
CA ALA F 50 -14.57 -17.80 -25.14
CA TYR F 51 -15.24 -21.49 -25.74
CA THR F 52 -17.24 -21.19 -28.95
CA ILE F 53 -14.77 -18.75 -30.55
CA GLY F 54 -11.30 -20.14 -31.21
CA THR F 55 -10.47 -23.58 -32.57
CA THR F 56 -7.75 -25.03 -30.34
CA HIS F 57 -7.57 -24.84 -26.55
CA PHE F 58 -4.69 -22.34 -26.57
CA GLN F 59 -6.25 -19.41 -28.40
CA ARG F 60 -9.51 -20.02 -26.54
CA ALA F 61 -7.58 -19.65 -23.29
CA LEU F 62 -5.87 -16.55 -24.70
CA ILE F 63 -8.99 -14.71 -25.79
CA PHE F 64 -10.57 -15.82 -22.54
CA ILE F 65 -7.87 -14.32 -20.34
CA LEU F 66 -7.59 -11.05 -22.24
CA LEU F 67 -11.34 -10.96 -22.83
CA THR F 68 -11.72 -10.94 -19.06
CA ALA F 69 -8.70 -8.69 -18.61
CA VAL F 70 -10.13 -6.04 -20.91
CA ALA F 71 -13.13 -5.46 -18.63
CA PRO F 72 -12.35 -2.51 -16.30
CA GLU G 1 -54.01 37.35 1.43
CA VAL G 2 -50.26 37.79 1.92
CA GLN G 3 -48.68 40.43 4.18
CA LEU G 4 -45.23 41.96 3.58
CA VAL G 5 -43.83 44.92 5.49
CA GLU G 6 -40.25 45.97 6.19
CA SER G 7 -38.03 47.25 9.00
CA GLY G 8 -37.78 51.03 9.25
CA ALA G 9 -34.61 53.11 9.11
CA GLU G 10 -34.40 56.90 9.31
CA VAL G 11 -30.96 58.42 8.68
CA LYS G 12 -27.42 57.26 7.90
CA LYS G 13 -24.11 58.59 6.57
CA PRO G 14 -22.34 58.16 3.20
CA GLY G 15 -20.04 55.19 3.58
CA ALA G 16 -22.29 53.43 6.11
CA SER G 17 -23.91 49.97 5.97
CA VAL G 18 -27.71 49.83 5.75
CA LYS G 19 -29.79 46.78 6.72
CA VAL G 20 -33.38 46.02 5.69
CA SER G 21 -35.45 42.86 6.08
CA CYS G 22 -38.39 40.85 4.69
CA LYS G 23 -41.50 39.72 6.56
CA ALA G 24 -42.90 36.35 5.51
CA SER G 25 -46.47 35.46 6.45
CA GLY G 26 -49.23 33.51 4.75
CA TYR G 27 -46.89 31.33 2.67
CA THR G 28 -43.99 28.93 2.83
CA PHE G 29 -40.71 30.85 2.79
CA THR G 30 -38.37 28.19 1.39
CA SER G 31 -40.48 27.72 -1.75
CA TYR G 32 -40.71 31.41 -2.81
CA ALA G 33 -37.86 33.70 -3.88
CA MET G 34 -36.81 37.13 -2.55
CA HIS G 35 -35.45 40.02 -4.63
CA TRP G 36 -35.04 43.77 -4.12
CA VAL G 37 -36.45 46.66 -6.17
CA ARG G 38 -35.55 50.32 -5.65
CA GLN G 39 -36.63 53.77 -6.80
CA ALA G 40 -34.64 56.98 -6.64
CA PRO G 41 -37.05 59.88 -5.89
CA GLY G 42 -38.70 61.05 -9.11
CA GLN G 43 -36.22 59.04 -11.19
CA ARG G 44 -35.70 55.63 -12.80
CA LEU G 45 -36.39 52.39 -10.92
CA GLU G 46 -32.83 51.22 -10.30
CA TRP G 47 -32.48 47.49 -9.61
CA MET G 48 -29.98 46.11 -7.09
CA GLY G 49 -31.78 42.91 -6.13
CA TRP G 50 -30.24 39.47 -6.20
CA ILE G 51 -31.67 35.97 -5.87
CA ASN G 52 -32.64 34.17 -2.67
CA ALA G 53 -34.28 30.81 -2.03
CA GLY G 54 -34.34 28.02 0.52
CA ASN G 55 -30.83 27.41 -0.84
CA GLY G 56 -30.04 31.09 -1.35
CA ASN G 57 -27.52 31.60 -4.14
CA THR G 58 -26.51 34.90 -5.76
CA LYS G 59 -26.83 36.48 -9.20
CA TYR G 60 -24.39 39.26 -10.01
CA SER G 61 -25.83 42.55 -11.22
CA GLN G 62 -23.73 44.43 -13.73
CA LYS G 63 -23.23 47.98 -12.43
CA PHE G 64 -23.51 47.04 -8.76
CA GLN G 65 -21.49 43.84 -8.72
CA ASP G 66 -18.77 43.84 -6.05
CA ARG G 67 -19.86 46.11 -3.20
CA VAL G 68 -23.07 44.43 -1.94
CA THR G 69 -23.65 41.41 0.29
CA ILE G 70 -27.08 39.86 0.82
CA THR G 71 -28.20 36.63 2.50
CA ARG G 72 -31.20 35.03 4.18
CA ASP G 73 -32.38 33.17 7.27
CA THR G 74 -35.11 30.56 6.89
CA SER G 75 -35.55 30.16 10.66
CA ALA G 76 -36.75 33.77 10.87
CA SER G 77 -38.11 33.55 7.28
CA THR G 78 -36.37 36.84 6.51
CA ALA G 79 -33.97 38.14 3.90
CA TYR G 80 -31.00 40.39 4.58
CA MET G 81 -29.58 43.26 2.54
CA GLU G 82 -26.37 45.27 3.06
CA LEU G 83 -24.69 48.10 1.12
CA SER G 84 -21.00 48.92 1.54
CA SER G 85 -19.31 52.28 0.77
CA LEU G 86 -22.45 54.38 0.41
CA ARG G 87 -22.32 57.64 -1.55
CA SER G 88 -24.54 60.71 -1.68
CA GLU G 89 -26.76 59.71 -4.62
CA ASP G 90 -27.81 56.46 -2.91
CA THR G 91 -31.02 57.96 -1.47
CA ALA G 92 -33.93 55.76 -2.57
CA ILE G 93 -36.97 54.08 -1.09
CA TYR G 94 -36.06 50.42 -0.67
CA TYR G 95 -38.74 47.89 -1.62
CA CYS G 96 -38.90 44.11 -1.30
CA ALA G 97 -40.17 41.53 -3.74
CA ARG G 98 -41.81 38.12 -3.63
CA ASP G 99 -41.17 35.76 -6.51
CA LYS G 100 -42.05 32.13 -7.20
CA VAL G 101 -38.83 30.11 -7.25
CA ASP G 102 -39.40 27.09 -9.48
CA ASP G 103 -40.65 23.84 -7.98
CA TYR G 104 -37.70 21.77 -9.27
CA GLY G 105 -35.35 23.26 -6.66
CA ASP G 106 -32.93 25.26 -8.80
CA TYR G 107 -33.93 28.58 -10.38
CA TRP G 108 -32.86 30.05 -13.67
CA PHE G 109 -36.12 30.01 -15.61
CA PRO G 110 -38.35 32.85 -14.36
CA THR G 111 -42.00 32.37 -13.50
CA LEU G 112 -45.07 33.71 -15.21
CA TRP G 113 -45.96 36.33 -12.56
CA TYR G 114 -42.56 37.68 -11.59
CA PHE G 115 -42.70 40.39 -8.90
CA ASP G 116 -46.28 39.98 -7.70
CA TYR G 117 -46.40 41.24 -4.10
CA TRP G 118 -44.26 44.13 -2.85
CA GLY G 119 -44.06 45.84 0.53
CA GLN G 120 -44.60 49.57 0.93
CA GLY G 121 -41.12 50.23 2.19
CA THR G 122 -38.70 52.21 4.35
CA LEU G 123 -36.58 55.26 3.59
CA VAL G 124 -32.81 55.60 3.67
CA THR G 125 -30.91 58.86 4.07
CA VAL G 126 -27.31 59.99 3.68
CA SER G 127 -25.91 63.41 4.62
CA SER H 1 -29.50 48.50 -21.97
CA ALA H 2 -32.19 50.67 -20.40
CA LEU H 3 -35.84 51.25 -21.23
CA THR H 4 -36.89 54.44 -22.97
CA GLN H 5 -40.53 55.32 -22.31
CA PRO H 6 -41.24 59.03 -22.99
CA ALA H 7 -42.04 61.92 -20.63
CA SER H 8 -45.81 61.53 -20.23
CA VAL H 9 -49.10 60.90 -22.00
CA SER H 10 -52.16 63.13 -21.72
CA GLY H 11 -55.80 62.80 -22.64
CA SER H 12 -59.33 63.81 -21.77
CA PRO H 13 -60.99 61.36 -19.34
CA GLY H 14 -62.49 58.68 -21.55
CA GLN H 15 -59.95 58.36 -24.36
CA SER H 16 -57.38 55.63 -25.08
CA ILE H 17 -53.63 55.97 -24.62
CA THR H 18 -50.76 53.84 -25.87
CA ILE H 19 -47.54 53.58 -23.86
CA SER H 20 -44.20 52.52 -25.32
CA CYS H 21 -41.37 50.29 -24.12
CA THR H 22 -38.79 49.71 -26.84
CA GLY H 23 -35.88 47.55 -25.76
CA THR H 24 -32.79 45.80 -27.08
CA SER H 25 -32.58 42.65 -29.18
CA SER H 26 -32.13 40.66 -25.96
CA ASP H 27 -35.00 41.80 -23.75
CA VAL H 28 -38.34 42.24 -25.59
CA GLY H 29 -37.40 41.55 -29.21
CA GLY H 30 -36.01 38.15 -28.22
CA PHE H 31 -38.15 37.15 -25.23
CA ASN H 32 -41.68 37.95 -24.08
CA TYR H 33 -41.33 38.94 -20.40
CA VAL H 34 -43.01 42.34 -20.27
CA SER H 35 -44.74 43.67 -17.17
CA TRP H 36 -46.19 47.05 -16.27
CA PHE H 37 -47.01 48.50 -12.86
CA GLN H 38 -49.05 51.32 -11.35
CA GLN H 39 -47.67 53.74 -8.76
CA HIS H 40 -49.74 55.73 -6.38
CA PRO H 41 -47.07 58.06 -4.94
CA GLY H 42 -47.37 56.84 -1.34
CA LYS H 43 -48.50 53.30 -2.02
CA ALA H 44 -46.66 50.16 -3.10
CA PRO H 45 -46.73 49.32 -6.82
CA LYS H 46 -48.60 46.13 -7.67
CA LEU H 47 -48.51 44.06 -10.83
CA MET H 48 -51.17 44.35 -13.52
CA LEU H 49 -49.65 43.09 -16.78
CA TYR H 50 -48.22 39.63 -17.48
CA ASP H 51 -46.03 38.43 -20.37
CA VAL H 52 -47.61 40.11 -23.38
CA THR H 53 -51.39 39.68 -23.44
CA SER H 54 -52.54 38.62 -19.97
CA ARG H 55 -53.19 40.13 -16.56
CA PRO H 56 -54.10 39.38 -12.92
CA SER H 57 -57.43 39.95 -11.26
CA GLY H 58 -58.46 43.17 -9.56
CA VAL H 59 -59.33 45.85 -12.16
CA SER H 60 -61.87 45.01 -14.88
CA SER H 61 -59.71 44.07 -17.88
CA ARG H 62 -58.90 47.51 -19.30
CA PHE H 63 -55.13 46.84 -19.53
CA SER H 64 -54.46 45.25 -22.93
CA GLY H 65 -50.79 44.63 -23.70
CA SER H 66 -49.37 44.22 -27.18
CA LYS H 67 -46.15 43.47 -29.03
CA SER H 68 -45.63 43.48 -32.82
CA GLY H 69 -41.89 42.91 -32.55
CA ASN H 70 -39.40 44.94 -30.52
CA THR H 71 -42.06 47.33 -29.18
CA ALA H 72 -43.76 46.44 -25.89
CA SER H 73 -47.02 48.34 -25.57
CA LEU H 74 -49.98 48.57 -23.22
CA THR H 75 -53.30 50.20 -24.13
CA ILE H 76 -55.83 51.58 -21.65
CA SER H 77 -59.43 52.02 -22.76
CA GLY H 78 -61.43 54.60 -20.84
CA LEU H 79 -59.14 57.21 -19.28
CA GLN H 80 -60.37 57.92 -15.75
CA ALA H 81 -59.40 59.73 -12.56
CA GLU H 82 -58.21 56.37 -11.15
CA ASP H 83 -55.58 56.27 -13.93
CA GLU H 84 -53.80 59.38 -12.59
CA ALA H 85 -50.42 57.89 -11.69
CA ASP H 86 -46.83 57.51 -12.90
CA TYR H 87 -46.48 54.08 -14.54
CA TYR H 88 -43.22 52.16 -14.95
CA CYS H 89 -42.44 48.95 -16.82
CA SER H 90 -40.18 45.93 -16.43
CA SER H 91 -38.43 43.48 -18.71
CA HIS H 92 -36.20 40.42 -18.63
CA THR H 93 -33.05 40.25 -20.74
CA SER H 94 -31.39 37.20 -22.27
CA ARG H 95 -28.37 37.37 -19.95
CA GLY H 96 -30.62 36.74 -16.95
CA THR H 97 -31.27 40.09 -15.24
CA TRP H 98 -34.15 42.58 -15.14
CA VAL H 99 -34.24 46.09 -16.57
CA PHE H 100 -36.73 48.84 -15.68
CA GLY H 101 -38.16 51.95 -17.35
CA GLY H 102 -37.82 55.71 -17.14
CA GLY H 103 -41.18 57.15 -16.07
CA THR H 104 -44.52 58.33 -17.49
CA LYS H 105 -46.83 60.41 -15.27
CA LEU H 106 -50.45 60.13 -16.44
CA THR H 107 -52.84 63.02 -15.83
CA VAL H 108 -56.29 63.65 -17.28
CA LEU H 109 -57.14 67.11 -15.90
CA GLU I 1 40.39 23.46 13.93
CA VAL I 2 36.81 22.74 15.02
CA GLN I 3 35.25 25.67 16.88
CA LEU I 4 31.92 25.45 18.70
CA VAL I 5 31.09 28.67 20.51
CA GLU I 6 27.84 29.15 22.42
CA SER I 7 26.12 31.93 24.34
CA GLY I 8 25.58 31.42 28.06
CA ALA I 9 22.51 32.42 30.04
CA GLU I 10 22.59 34.22 33.37
CA VAL I 11 19.32 33.24 35.07
CA LYS I 12 15.73 32.72 33.95
CA LYS I 13 12.33 32.84 35.64
CA PRO I 14 9.81 29.96 35.83
CA GLY I 15 7.41 30.28 32.94
CA ALA I 16 9.85 31.90 30.49
CA SER I 17 11.39 30.72 27.21
CA VAL I 18 15.11 30.65 26.41
CA LYS I 19 17.02 31.03 23.13
CA VAL I 20 20.56 29.65 23.42
CA SER I 21 22.46 29.49 20.12
CA CYS I 22 25.73 28.06 18.85
CA LYS I 23 27.84 29.28 15.94
CA ALA I 24 29.74 26.67 13.94
CA SER I 25 33.02 27.56 12.24
CA GLY I 26 36.08 25.72 10.99
CA TYR I 27 34.10 22.91 9.37
CA THR I 28 31.22 22.48 6.95
CA PHE I 29 27.75 22.74 8.44
CA THR I 30 25.44 22.08 5.47
CA SER I 31 25.40 18.29 5.86
CA TYR I 32 26.56 17.60 9.45
CA ALA I 33 24.29 17.22 12.48
CA MET I 34 23.99 19.15 15.73
CA HIS I 35 22.78 17.55 18.97
CA TRP I 36 21.94 18.79 22.47
CA VAL I 37 22.06 17.27 26.00
CA ARG I 38 21.41 18.57 29.53
CA GLN I 39 23.56 18.57 32.67
CA ALA I 40 22.52 19.89 36.05
CA PRO I 41 25.29 19.68 38.69
CA GLY I 42 25.74 16.02 39.60
CA GLN I 43 23.38 13.54 37.92
CA ARG I 44 23.04 11.27 34.89
CA LEU I 45 23.25 13.16 31.57
CA GLU I 46 19.80 13.31 30.00
CA TRP I 47 19.02 13.71 26.31
CA MET I 48 17.64 16.66 24.36
CA GLY I 49 19.12 15.44 21.08
CA TRP I 50 18.11 16.77 17.70
CA ILE I 51 18.79 14.87 14.47
CA ASN I 52 19.52 17.90 12.31
CA ALA I 53 20.65 18.10 8.70
CA GLY I 54 20.47 20.51 5.80
CA ASN I 55 16.89 19.42 5.08
CA GLY I 56 15.43 20.74 8.34
CA ASN I 57 13.58 17.61 9.46
CA THR I 58 14.47 16.84 13.07
CA LYS I 59 13.12 14.30 15.56
CA TYR I 60 12.32 15.95 18.87
CA SER I 61 12.83 14.49 22.34
CA GLN I 62 10.34 12.06 23.92
CA LYS I 63 10.81 13.12 27.54
CA PHE I 64 9.97 16.59 26.21
CA GLN I 65 7.82 15.58 23.25
CA ASP I 66 4.98 18.15 23.30
CA ARG I 67 7.35 20.72 24.81
CA VAL I 68 10.44 21.41 22.63
CA THR I 69 11.10 23.05 19.26
CA ILE I 70 14.19 24.28 17.40
CA THR I 71 15.01 26.04 14.16
CA ARG I 72 18.24 26.56 12.21
CA ASP I 73 19.86 28.44 9.37
CA THR I 74 22.71 27.67 6.98
CA SER I 75 23.53 31.35 6.32
CA ALA I 76 24.73 31.81 9.91
CA SER I 77 25.85 28.17 10.52
CA THR I 78 23.94 28.48 13.78
CA ALA I 79 21.55 26.15 15.62
CA TYR I 80 18.87 27.44 18.01
CA MET I 81 16.59 25.82 20.59
CA GLU I 82 13.30 27.02 22.12
CA LEU I 83 12.07 25.73 25.46
CA SER I 84 8.68 26.88 26.73
CA SER I 85 7.42 26.17 30.27
CA LEU I 86 10.62 26.38 32.26
CA ARG I 87 10.30 24.44 35.51
CA SER I 88 12.18 24.60 38.81
CA GLU I 89 14.34 21.59 37.87
CA ASP I 90 15.20 22.82 34.36
CA THR I 91 18.41 24.49 35.55
CA ALA I 92 21.16 22.57 33.77
CA ILE I 93 24.04 22.90 31.30
CA TYR I 94 22.95 22.63 27.67
CA TYR I 95 25.70 21.19 25.46
CA CYS I 96 26.21 21.35 21.72
CA ALA I 97 27.21 18.16 19.95
CA ARG I 98 29.26 17.70 16.80
CA ASP I 99 27.88 14.88 14.66
CA LYS I 100 28.37 13.46 11.16
CA VAL I 101 25.48 12.91 8.73
CA ASP I 102 25.51 10.29 5.98
CA ASP I 103 26.57 11.99 2.75
CA TYR I 104 23.21 11.20 1.10
CA GLY I 105 21.90 14.28 2.93
CA ASP I 106 19.34 12.56 5.12
CA TYR I 107 20.15 11.46 8.67
CA TRP I 108 18.30 8.35 9.85
CA PHE I 109 21.32 6.41 11.12
CA PRO I 110 24.36 7.95 12.83
CA THR I 111 27.91 7.07 12.04
CA LEU I 112 29.67 4.30 13.92
CA TRP I 113 30.98 7.07 16.18
CA TYR I 114 29.17 9.98 17.78
CA PHE I 115 30.89 13.24 18.74
CA ASP I 116 34.08 15.13 17.90
CA TYR I 117 33.99 18.53 19.60
CA TRP I 118 31.60 20.11 22.07
CA GLY I 119 30.94 23.45 23.67
CA GLN I 120 32.34 24.39 27.04
CA GLY I 121 28.93 24.89 28.64
CA THR I 122 25.76 26.99 28.95
CA LEU I 123 24.67 27.32 32.58
CA VAL I 124 20.98 28.07 32.96
CA THR I 125 19.23 28.88 36.23
CA VAL I 126 15.60 29.41 37.23
CA SER I 127 14.50 31.82 39.96
CA SER J 1 15.62 3.64 29.08
CA ALA J 2 18.10 4.16 31.90
CA LEU J 3 21.58 2.70 32.10
CA THR J 4 23.16 1.42 35.26
CA GLN J 5 26.86 2.15 35.56
CA PRO J 6 27.71 2.16 39.30
CA ALA J 7 28.03 4.97 41.84
CA SER J 8 31.78 5.57 42.17
CA VAL J 9 34.74 3.25 41.65
CA SER J 10 38.28 4.11 42.67
CA GLY J 11 41.78 2.72 42.56
CA SER J 12 45.34 3.55 43.50
CA PRO J 13 47.66 4.17 40.52
CA GLY J 14 49.45 1.20 39.00
CA GLN J 15 46.61 -1.33 38.92
CA SER J 16 43.84 -1.66 36.34
CA ILE J 17 40.15 -1.05 37.04
CA THR J 18 37.07 -1.84 34.96
CA ILE J 19 34.21 0.65 34.73
CA SER J 20 31.14 -1.35 33.74
CA CYS J 21 27.70 -0.50 32.40
CA THR J 22 24.79 -2.90 31.90
CA GLY J 23 21.89 -1.81 29.73
CA THR J 24 18.83 -2.70 27.68
CA SER J 25 18.77 -5.64 25.25
CA SER J 26 17.44 -3.12 22.69
CA ASP J 27 20.38 -0.75 23.10
CA VAL J 28 23.78 -2.42 23.63
CA GLY J 29 22.62 -6.01 23.19
CA GLY J 30 21.12 -5.23 19.80
CA PHE J 31 23.87 -2.96 18.51
CA ASN J 32 27.53 -2.07 18.77
CA TYR J 33 26.55 1.52 19.60
CA VAL J 34 28.73 2.08 22.67
CA SER J 35 30.97 5.08 23.27
CA TRP J 36 32.41 6.77 26.35
CA PHE J 37 33.40 10.22 27.58
CA GLN J 38 35.75 12.18 29.84
CA GLN J 39 33.62 14.53 31.96
CA HIS J 40 36.09 16.76 33.71
CA PRO J 41 34.11 19.05 36.03
CA GLY J 42 35.68 22.34 34.97
CA LYS J 43 35.40 22.11 31.20
CA ALA J 44 33.65 20.42 28.30
CA PRO J 45 33.39 16.62 28.48
CA LYS J 46 35.60 15.08 25.81
CA LEU J 47 34.70 11.96 23.84
CA MET J 48 37.31 9.43 24.95
CA LEU J 49 35.97 6.45 23.00
CA TYR J 50 34.52 5.63 19.61
CA ASP J 51 32.87 2.20 19.15
CA VAL J 52 33.34 -0.08 22.15
CA THR J 53 36.95 -1.13 21.52
CA SER J 54 38.14 1.72 19.28
CA ARG J 55 39.50 5.18 20.12
CA PRO J 56 39.92 8.63 18.61
CA SER J 57 43.37 9.98 17.90
CA GLY J 58 44.86 11.71 20.92
CA VAL J 59 43.58 8.93 23.17
CA SER J 60 46.41 6.79 24.50
CA SER J 61 46.96 3.04 24.10
CA ARG J 62 46.17 2.68 27.80
CA PHE J 63 42.40 2.75 27.45
CA SER J 64 40.54 -0.30 26.20
CA GLY J 65 36.92 -1.36 26.16
CA SER J 66 34.94 -4.53 25.53
CA LYS J 67 31.35 -5.72 25.53
CA SER J 68 29.56 -9.01 26.22
CA GLY J 69 26.02 -8.44 24.98
CA ASN J 70 24.05 -6.48 27.55
CA THR J 71 27.20 -5.12 29.24
CA ALA J 72 29.42 -2.26 28.05
CA SER J 73 32.57 -2.15 30.16
CA LEU J 74 35.72 -0.11 29.48
CA THR J 75 39.03 -0.72 31.27
CA ILE J 76 41.56 1.82 32.55
CA SER J 77 45.14 0.56 32.81
CA GLY J 78 47.74 1.99 35.21
CA LEU J 79 46.01 5.15 36.39
CA GLN J 80 47.26 8.67 37.11
CA ALA J 81 45.80 11.80 38.66
CA GLU J 82 45.03 12.76 35.03
CA ASP J 83 42.01 10.49 34.57
CA GLU J 84 40.11 11.40 37.78
CA ALA J 85 37.01 12.40 35.85
CA ASP J 86 33.43 11.32 35.50
CA TYR J 87 32.78 8.56 32.98
CA TYR J 88 29.56 8.56 30.99
CA CYS J 89 28.49 5.82 28.59
CA SER J 90 26.32 6.14 25.49
CA SER J 91 23.81 3.90 23.79
CA HIS J 92 21.69 4.48 20.72
CA THR J 93 18.41 2.63 21.12
CA SER J 94 16.34 0.87 18.52
CA ARG J 95 14.25 4.04 18.25
CA GLY J 96 16.58 6.91 17.44
CA THR J 97 16.99 8.29 20.94
CA TRP J 98 20.35 8.22 22.69
CA VAL J 99 20.67 7.53 26.42
CA PHE J 100 23.61 7.83 28.82
CA GLY J 101 24.48 6.20 32.12
CA GLY J 102 24.72 7.66 35.58
CA GLY J 103 28.40 8.19 36.21
CA THR J 104 31.37 7.07 38.29
CA LYS J 105 33.44 9.59 40.23
CA LEU J 106 37.06 8.46 40.26
CA THR J 107 39.70 8.96 42.97
CA VAL J 108 43.21 7.53 43.18
CA LEU J 109 44.31 8.79 46.62
#